data_2RAQ
#
_entry.id   2RAQ
#
_cell.length_a   113.569
_cell.length_b   113.569
_cell.length_c   114.530
_cell.angle_alpha   90.00
_cell.angle_beta   90.00
_cell.angle_gamma   90.00
#
_symmetry.space_group_name_H-M   'P 42 21 2'
#
loop_
_entity.id
_entity.type
_entity.pdbx_description
1 polymer 'Conserved protein MTH889'
2 non-polymer 'CALCIUM ION'
3 water water
#
_entity_poly.entity_id   1
_entity_poly.type   'polypeptide(L)'
_entity_poly.pdbx_seq_one_letter_code
;(MSE)VAKGLIRIVLDILKPHEPIIPEYAKYLSELRGVEGVNITL(MSE)EIDKETENIKVTIQGNDLDFDEITRAIESY
GGSIHSVDEVVAGRT(MSE)VEEVTTPQD
;
_entity_poly.pdbx_strand_id   A,B,C,D,E,F,G
#
loop_
_chem_comp.id
_chem_comp.type
_chem_comp.name
_chem_comp.formula
CA non-polymer 'CALCIUM ION' 'Ca 2'
#
# COMPACT_ATOMS: atom_id res chain seq x y z
N ALA A 3 -0.34 28.10 1.11
CA ALA A 3 -1.52 27.68 0.28
C ALA A 3 -2.93 27.81 0.97
N LYS A 4 -3.94 28.17 0.17
CA LYS A 4 -5.26 28.48 0.70
C LYS A 4 -6.38 28.30 -0.38
N GLY A 5 -7.65 28.23 0.07
CA GLY A 5 -8.74 27.75 -0.80
C GLY A 5 -8.41 26.38 -1.37
N LEU A 6 -8.69 26.18 -2.65
CA LEU A 6 -8.56 24.86 -3.22
C LEU A 6 -7.15 24.59 -3.64
N ILE A 7 -6.64 23.45 -3.20
CA ILE A 7 -5.31 22.98 -3.55
C ILE A 7 -5.41 21.77 -4.50
N ARG A 8 -6.54 21.05 -4.47
CA ARG A 8 -6.78 19.94 -5.41
C ARG A 8 -8.25 19.90 -5.83
N ILE A 9 -8.47 19.64 -7.12
CA ILE A 9 -9.80 19.48 -7.69
C ILE A 9 -9.76 18.32 -8.66
N VAL A 10 -10.76 17.45 -8.56
CA VAL A 10 -10.87 16.26 -9.44
C VAL A 10 -12.23 16.25 -10.11
N LEU A 11 -12.24 16.45 -11.42
CA LEU A 11 -13.52 16.44 -12.12
C LEU A 11 -13.57 15.46 -13.30
N ASP A 12 -14.74 14.86 -13.56
CA ASP A 12 -14.90 14.00 -14.73
C ASP A 12 -15.55 14.75 -15.87
N ILE A 13 -14.88 14.76 -17.02
CA ILE A 13 -15.43 15.48 -18.15
C ILE A 13 -15.52 14.67 -19.44
N LEU A 14 -16.43 15.08 -20.32
CA LEU A 14 -16.58 14.54 -21.65
C LEU A 14 -16.02 15.50 -22.69
N LYS A 15 -15.57 14.96 -23.81
CA LYS A 15 -14.85 15.80 -24.75
C LYS A 15 -14.67 15.19 -26.17
N PRO A 16 -14.82 16.00 -27.22
CA PRO A 16 -14.33 15.65 -28.56
C PRO A 16 -12.91 15.03 -28.57
N HIS A 17 -12.55 14.33 -29.65
CA HIS A 17 -11.24 13.64 -29.67
C HIS A 17 -10.12 14.68 -29.77
N GLU A 18 -10.38 15.69 -30.58
CA GLU A 18 -9.61 16.91 -30.57
C GLU A 18 -10.28 17.88 -29.60
N PRO A 19 -9.49 18.69 -28.93
CA PRO A 19 -8.06 18.59 -29.03
C PRO A 19 -7.60 17.37 -28.23
N ILE A 20 -6.55 16.70 -28.73
CA ILE A 20 -5.97 15.54 -28.06
C ILE A 20 -5.56 15.88 -26.62
N ILE A 21 -5.41 14.88 -25.76
CA ILE A 21 -5.46 15.16 -24.33
C ILE A 21 -4.22 15.81 -23.77
N PRO A 22 -3.06 15.57 -24.39
CA PRO A 22 -1.84 16.25 -23.96
C PRO A 22 -1.96 17.75 -24.22
N GLU A 23 -2.87 18.18 -25.07
CA GLU A 23 -3.19 19.61 -25.19
C GLU A 23 -3.81 20.00 -23.90
N TYR A 24 -5.01 19.49 -23.63
CA TYR A 24 -5.73 19.85 -22.42
C TYR A 24 -4.82 19.94 -21.19
N ALA A 25 -3.85 19.03 -21.09
CA ALA A 25 -2.87 19.05 -20.02
C ALA A 25 -1.98 20.31 -20.03
N LYS A 26 -1.26 20.49 -21.14
CA LYS A 26 -0.44 21.70 -21.35
C LYS A 26 -1.19 22.95 -20.87
N TYR A 27 -2.42 23.10 -21.34
CA TYR A 27 -3.14 24.34 -21.25
C TYR A 27 -3.68 24.61 -19.87
N LEU A 28 -3.74 23.63 -19.00
CA LEU A 28 -4.20 23.90 -17.65
C LEU A 28 -3.02 24.07 -16.69
N SER A 29 -1.83 23.68 -17.13
CA SER A 29 -0.64 24.08 -16.41
C SER A 29 -0.60 25.59 -16.52
N GLU A 30 -1.06 26.08 -17.67
CA GLU A 30 -1.07 27.49 -17.94
C GLU A 30 -1.85 28.25 -16.91
N LEU A 31 -3.01 27.70 -16.53
CA LEU A 31 -3.89 28.28 -15.52
C LEU A 31 -3.27 28.83 -14.20
N ARG A 32 -4.05 29.70 -13.57
CA ARG A 32 -3.60 30.47 -12.41
C ARG A 32 -3.47 29.65 -11.10
N GLY A 33 -2.24 29.55 -10.64
CA GLY A 33 -1.98 28.90 -9.39
C GLY A 33 -2.00 27.40 -9.47
N VAL A 34 -1.71 26.85 -10.64
CA VAL A 34 -1.84 25.41 -10.90
C VAL A 34 -0.48 24.74 -10.83
N GLU A 35 -0.18 24.09 -9.70
CA GLU A 35 1.09 23.37 -9.52
C GLU A 35 1.29 22.30 -10.63
N GLY A 36 0.25 21.55 -10.92
CA GLY A 36 0.31 20.52 -11.98
C GLY A 36 -1.04 19.93 -12.28
N VAL A 37 -1.17 19.19 -13.38
CA VAL A 37 -2.43 18.55 -13.71
C VAL A 37 -2.19 17.12 -14.16
N ASN A 38 -3.11 16.25 -13.78
CA ASN A 38 -3.11 14.87 -14.25
C ASN A 38 -4.38 14.53 -14.97
N ILE A 39 -4.23 14.04 -16.19
CA ILE A 39 -5.39 13.63 -16.97
C ILE A 39 -5.27 12.16 -17.33
N THR A 40 -6.01 11.30 -16.64
CA THR A 40 -6.09 9.90 -17.10
C THR A 40 -7.37 9.70 -17.90
N LEU A 41 -7.26 8.81 -18.89
CA LEU A 41 -8.29 8.45 -19.85
C LEU A 41 -9.28 7.44 -19.26
N MSE A 42 -10.52 7.83 -19.09
CA MSE A 42 -11.48 6.94 -18.48
C MSE A 42 -12.13 5.95 -19.48
O MSE A 42 -12.23 4.77 -19.20
CB MSE A 42 -12.55 7.75 -17.76
CG MSE A 42 -12.91 7.23 -16.39
SE MSE A 42 -11.39 7.51 -15.17
CE MSE A 42 -12.08 6.56 -13.35
N GLU A 43 -12.58 6.44 -20.62
CA GLU A 43 -13.31 5.65 -21.59
C GLU A 43 -13.28 6.37 -22.92
N ILE A 44 -12.93 5.66 -23.97
CA ILE A 44 -12.83 6.28 -25.27
C ILE A 44 -13.98 5.75 -26.15
N ASP A 45 -14.87 6.63 -26.59
CA ASP A 45 -16.00 6.22 -27.43
C ASP A 45 -15.74 6.64 -28.87
N LYS A 46 -16.75 6.59 -29.74
CA LYS A 46 -16.53 6.93 -31.15
C LYS A 46 -16.76 8.39 -31.37
N GLU A 47 -17.90 8.84 -30.90
CA GLU A 47 -18.17 10.27 -30.77
C GLU A 47 -17.04 11.03 -30.06
N THR A 48 -16.85 10.63 -28.81
CA THR A 48 -16.40 11.46 -27.73
C THR A 48 -15.37 10.65 -26.89
N GLU A 49 -15.19 11.01 -25.62
CA GLU A 49 -13.95 10.60 -24.94
C GLU A 49 -13.92 11.06 -23.48
N ASN A 50 -13.92 10.13 -22.55
CA ASN A 50 -14.09 10.51 -21.17
C ASN A 50 -12.78 10.50 -20.40
N ILE A 51 -12.40 11.66 -19.87
CA ILE A 51 -11.15 11.75 -19.15
C ILE A 51 -11.45 12.15 -17.73
N LYS A 52 -10.56 11.76 -16.82
CA LYS A 52 -10.57 12.34 -15.49
C LYS A 52 -9.44 13.34 -15.34
N VAL A 53 -9.75 14.47 -14.75
CA VAL A 53 -8.80 15.56 -14.60
C VAL A 53 -8.57 15.91 -13.14
N THR A 54 -7.35 15.64 -12.69
CA THR A 54 -6.90 15.89 -11.31
C THR A 54 -5.95 17.04 -11.30
N ILE A 55 -6.39 18.12 -10.72
CA ILE A 55 -5.62 19.32 -10.83
C ILE A 55 -5.31 19.78 -9.46
N GLN A 56 -4.10 20.26 -9.33
CA GLN A 56 -3.57 20.58 -8.04
C GLN A 56 -2.85 21.91 -8.10
N GLY A 57 -3.03 22.75 -7.08
CA GLY A 57 -2.24 23.98 -6.95
C GLY A 57 -2.59 24.80 -5.73
N ASN A 58 -2.48 26.12 -5.86
CA ASN A 58 -2.80 27.02 -4.77
C ASN A 58 -3.93 27.98 -5.08
N ASP A 59 -4.81 28.21 -4.12
CA ASP A 59 -5.95 29.11 -4.33
C ASP A 59 -6.45 29.06 -5.77
N LEU A 60 -6.69 27.85 -6.27
CA LEU A 60 -7.15 27.62 -7.63
C LEU A 60 -8.47 28.28 -7.90
N ASP A 61 -8.70 28.58 -9.16
CA ASP A 61 -9.89 29.29 -9.51
C ASP A 61 -10.82 28.38 -10.24
N PHE A 62 -11.86 27.98 -9.55
CA PHE A 62 -12.76 27.05 -10.13
C PHE A 62 -13.32 27.58 -11.41
N ASP A 63 -13.60 28.88 -11.45
CA ASP A 63 -14.27 29.44 -12.60
C ASP A 63 -13.37 29.62 -13.83
N GLU A 64 -12.12 29.98 -13.60
CA GLU A 64 -11.15 30.03 -14.67
C GLU A 64 -11.08 28.61 -15.23
N ILE A 65 -10.81 27.65 -14.37
CA ILE A 65 -10.66 26.24 -14.77
C ILE A 65 -11.83 25.80 -15.64
N THR A 66 -13.04 26.10 -15.18
CA THR A 66 -14.20 25.60 -15.84
C THR A 66 -14.59 26.37 -17.11
N ARG A 67 -14.44 27.70 -17.09
CA ARG A 67 -14.63 28.44 -18.33
C ARG A 67 -13.61 27.97 -19.37
N ALA A 68 -12.38 27.69 -18.93
CA ALA A 68 -11.33 27.18 -19.81
C ALA A 68 -11.68 25.83 -20.45
N ILE A 69 -12.25 24.91 -19.67
CA ILE A 69 -12.60 23.62 -20.25
C ILE A 69 -13.69 23.75 -21.28
N GLU A 70 -14.65 24.64 -21.05
CA GLU A 70 -15.69 24.83 -22.04
C GLU A 70 -15.11 25.46 -23.30
N SER A 71 -14.16 26.38 -23.13
CA SER A 71 -13.49 27.00 -24.28
C SER A 71 -12.88 25.95 -25.17
N TYR A 72 -12.28 24.93 -24.56
CA TYR A 72 -11.62 23.87 -25.32
C TYR A 72 -12.61 22.87 -25.92
N GLY A 73 -13.90 23.17 -25.81
CA GLY A 73 -14.95 22.35 -26.37
C GLY A 73 -15.53 21.32 -25.40
N GLY A 74 -14.82 21.10 -24.29
CA GLY A 74 -15.22 20.07 -23.32
C GLY A 74 -16.48 20.30 -22.54
N SER A 75 -16.86 19.34 -21.71
CA SER A 75 -18.04 19.46 -20.89
C SER A 75 -17.86 18.80 -19.52
N ILE A 76 -18.01 19.56 -18.44
CA ILE A 76 -17.77 19.01 -17.10
C ILE A 76 -18.95 18.21 -16.55
N HIS A 77 -18.83 16.88 -16.53
CA HIS A 77 -19.93 16.06 -16.01
C HIS A 77 -20.09 16.14 -14.50
N SER A 78 -19.00 15.97 -13.75
CA SER A 78 -19.10 16.18 -12.32
C SER A 78 -17.79 16.53 -11.64
N VAL A 79 -17.93 17.14 -10.46
CA VAL A 79 -16.80 17.42 -9.59
C VAL A 79 -16.65 16.26 -8.62
N ASP A 80 -15.66 15.43 -8.79
CA ASP A 80 -15.74 14.22 -8.01
C ASP A 80 -15.15 14.35 -6.61
N GLU A 81 -14.22 15.28 -6.47
CA GLU A 81 -13.55 15.54 -5.21
C GLU A 81 -12.90 16.88 -5.21
N VAL A 82 -12.91 17.51 -4.04
CA VAL A 82 -12.31 18.82 -3.82
C VAL A 82 -11.52 18.80 -2.51
N VAL A 83 -10.44 19.57 -2.45
CA VAL A 83 -9.63 19.66 -1.23
C VAL A 83 -9.28 21.13 -0.99
N ALA A 84 -9.49 21.60 0.22
CA ALA A 84 -9.30 23.03 0.48
C ALA A 84 -8.67 23.36 1.83
N GLY A 85 -7.88 24.40 1.87
CA GLY A 85 -7.21 24.80 3.10
C GLY A 85 -5.72 24.77 2.92
N ARG A 86 -5.02 24.58 4.02
CA ARG A 86 -3.56 24.59 3.99
C ARG A 86 -2.98 23.21 3.69
N THR A 87 -3.81 22.18 3.74
CA THR A 87 -3.24 20.84 3.84
C THR A 87 -3.97 19.71 3.06
N MSE A 88 -3.22 18.85 2.38
CA MSE A 88 -3.85 17.89 1.49
C MSE A 88 -4.56 16.79 2.23
O MSE A 88 -4.08 15.64 2.19
CB MSE A 88 -2.84 17.22 0.56
CG MSE A 88 -2.66 17.90 -0.74
SE MSE A 88 -4.34 18.03 -1.74
CE MSE A 88 -3.42 18.62 -3.45
N VAL A 89 -5.67 17.10 2.88
CA VAL A 89 -6.41 16.08 3.60
C VAL A 89 -6.92 15.06 2.58
N GLU A 90 -6.56 13.80 2.71
CA GLU A 90 -7.17 12.82 1.84
C GLU A 90 -8.46 12.35 2.47
N GLU A 91 -9.32 11.70 1.68
CA GLU A 91 -10.57 11.18 2.15
C GLU A 91 -10.32 9.97 3.01
N VAL A 92 -10.76 9.98 4.27
CA VAL A 92 -10.58 8.76 5.10
C VAL A 92 -11.74 7.83 4.80
N THR A 93 -11.44 6.57 4.45
CA THR A 93 -12.50 5.65 4.02
C THR A 93 -13.03 4.82 5.19
N THR A 94 -14.35 4.57 5.17
CA THR A 94 -15.15 4.06 6.31
C THR A 94 -16.36 3.20 5.76
N PRO A 95 -17.13 2.49 6.60
CA PRO A 95 -18.30 1.77 6.07
C PRO A 95 -19.51 2.69 5.76
N VAL B 2 13.21 23.19 -11.88
CA VAL B 2 11.73 23.16 -12.19
C VAL B 2 11.43 22.46 -13.51
N ALA B 3 10.35 21.71 -13.56
CA ALA B 3 9.91 21.21 -14.84
C ALA B 3 8.69 21.98 -15.27
N LYS B 4 8.47 22.06 -16.57
CA LYS B 4 7.28 22.66 -17.14
C LYS B 4 6.76 21.73 -18.19
N GLY B 5 5.54 21.96 -18.63
CA GLY B 5 5.05 21.27 -19.83
C GLY B 5 4.76 19.79 -19.60
N LEU B 6 4.79 19.01 -20.68
CA LEU B 6 4.52 17.60 -20.53
C LEU B 6 5.64 17.02 -19.65
N ILE B 7 5.29 16.22 -18.65
CA ILE B 7 6.31 15.64 -17.79
C ILE B 7 6.24 14.11 -17.70
N ARG B 8 5.03 13.57 -17.84
CA ARG B 8 4.83 12.14 -18.06
C ARG B 8 3.75 11.91 -19.10
N ILE B 9 3.95 10.89 -19.93
CA ILE B 9 2.95 10.49 -20.91
C ILE B 9 2.88 8.97 -20.90
N VAL B 10 1.68 8.42 -21.03
CA VAL B 10 1.49 6.97 -21.15
C VAL B 10 0.60 6.74 -22.36
N LEU B 11 1.17 6.03 -23.35
CA LEU B 11 0.49 5.76 -24.63
C LEU B 11 0.44 4.27 -24.86
N ASP B 12 -0.67 3.78 -25.43
CA ASP B 12 -0.64 2.42 -25.97
C ASP B 12 -0.46 2.36 -27.48
N ILE B 13 0.48 1.52 -27.89
CA ILE B 13 0.78 1.29 -29.29
C ILE B 13 0.83 -0.17 -29.79
N LEU B 14 0.41 -0.31 -31.05
CA LEU B 14 0.56 -1.52 -31.86
C LEU B 14 1.94 -1.58 -32.45
N LYS B 15 2.49 -2.76 -32.56
CA LYS B 15 3.87 -2.82 -32.90
C LYS B 15 4.20 -4.15 -33.59
N PRO B 16 4.67 -4.03 -34.83
CA PRO B 16 5.38 -5.11 -35.48
C PRO B 16 6.38 -5.69 -34.49
N HIS B 17 6.47 -7.02 -34.43
CA HIS B 17 7.36 -7.74 -33.50
C HIS B 17 8.75 -7.15 -33.53
N GLU B 18 9.07 -6.52 -34.65
CA GLU B 18 10.35 -5.91 -34.87
C GLU B 18 10.16 -4.41 -35.17
N PRO B 19 11.02 -3.57 -34.65
CA PRO B 19 12.13 -3.97 -33.79
C PRO B 19 11.64 -4.43 -32.43
N ILE B 20 12.39 -5.36 -31.85
CA ILE B 20 12.23 -5.80 -30.49
C ILE B 20 12.07 -4.57 -29.62
N ILE B 21 11.60 -4.77 -28.38
CA ILE B 21 11.19 -3.68 -27.49
C ILE B 21 12.30 -2.87 -26.75
N PRO B 22 13.37 -3.51 -26.28
CA PRO B 22 14.52 -2.74 -25.76
C PRO B 22 15.18 -1.81 -26.79
N GLU B 23 14.95 -2.03 -28.08
CA GLU B 23 15.25 -1.00 -29.09
C GLU B 23 14.53 0.21 -28.58
N TYR B 24 13.23 0.29 -28.87
CA TYR B 24 12.44 1.45 -28.49
C TYR B 24 12.94 2.12 -27.24
N ALA B 25 13.21 1.33 -26.20
CA ALA B 25 13.49 1.86 -24.88
C ALA B 25 14.79 2.68 -24.85
N LYS B 26 15.85 2.09 -25.41
CA LYS B 26 17.12 2.78 -25.62
C LYS B 26 16.88 4.03 -26.48
N TYR B 27 16.42 3.80 -27.71
CA TYR B 27 16.06 4.86 -28.62
C TYR B 27 15.33 6.00 -27.92
N LEU B 28 14.04 5.82 -27.62
CA LEU B 28 13.25 6.84 -26.92
C LEU B 28 14.00 7.44 -25.73
N SER B 29 14.73 6.59 -25.00
CA SER B 29 15.44 7.11 -23.84
C SER B 29 16.12 8.40 -24.19
N GLU B 30 16.94 8.38 -25.24
CA GLU B 30 17.63 9.58 -25.72
C GLU B 30 16.80 10.51 -26.66
N LEU B 31 15.70 11.04 -26.13
CA LEU B 31 15.09 12.18 -26.76
C LEU B 31 15.35 13.42 -25.90
N ARG B 32 14.83 14.55 -26.40
CA ARG B 32 14.94 15.81 -25.73
C ARG B 32 14.24 15.73 -24.37
N GLY B 33 15.08 15.70 -23.34
CA GLY B 33 14.64 15.95 -21.98
C GLY B 33 13.71 14.85 -21.62
N VAL B 34 14.24 13.63 -21.64
CA VAL B 34 13.48 12.46 -21.27
C VAL B 34 14.33 11.79 -20.20
N GLU B 35 13.93 11.92 -18.93
CA GLU B 35 14.72 11.37 -17.83
C GLU B 35 14.60 9.86 -17.80
N GLY B 36 13.60 9.32 -18.49
CA GLY B 36 13.36 7.88 -18.39
C GLY B 36 12.12 7.38 -19.08
N VAL B 37 12.24 6.23 -19.70
CA VAL B 37 11.11 5.62 -20.36
C VAL B 37 10.95 4.25 -19.79
N ASN B 38 9.71 3.78 -19.82
CA ASN B 38 9.37 2.46 -19.32
C ASN B 38 8.43 1.83 -20.33
N ILE B 39 8.75 0.63 -20.78
CA ILE B 39 7.84 -0.12 -21.67
C ILE B 39 7.40 -1.45 -21.02
N THR B 40 6.13 -1.59 -20.67
CA THR B 40 5.64 -2.95 -20.38
C THR B 40 4.80 -3.53 -21.54
N LEU B 41 4.91 -4.85 -21.67
CA LEU B 41 4.33 -5.63 -22.74
C LEU B 41 2.90 -6.06 -22.42
N MSE B 42 1.94 -5.51 -23.15
CA MSE B 42 0.50 -5.75 -22.93
C MSE B 42 -0.05 -7.15 -23.32
O MSE B 42 -0.82 -7.74 -22.59
CB MSE B 42 -0.28 -4.69 -23.74
CG MSE B 42 -0.96 -3.59 -22.96
SE MSE B 42 -0.39 -3.38 -21.10
CE MSE B 42 -1.99 -2.17 -20.58
N GLU B 43 0.35 -7.62 -24.49
CA GLU B 43 -0.25 -8.76 -25.16
C GLU B 43 0.65 -8.97 -26.35
N ILE B 44 1.09 -10.21 -26.53
CA ILE B 44 2.00 -10.52 -27.62
C ILE B 44 1.38 -11.36 -28.74
N ASP B 45 0.33 -10.86 -29.41
CA ASP B 45 -0.29 -11.53 -30.58
C ASP B 45 0.65 -12.16 -31.66
N LYS B 46 0.10 -12.95 -32.58
CA LYS B 46 0.95 -13.59 -33.61
C LYS B 46 1.26 -12.62 -34.70
N GLU B 47 0.26 -11.85 -35.12
CA GLU B 47 0.53 -10.86 -36.15
C GLU B 47 1.30 -9.63 -35.68
N THR B 48 0.81 -9.08 -34.56
CA THR B 48 1.39 -7.89 -34.02
C THR B 48 1.87 -8.09 -32.57
N GLU B 49 1.40 -7.25 -31.65
CA GLU B 49 2.01 -7.04 -30.33
C GLU B 49 1.67 -5.68 -29.72
N ASN B 50 0.86 -5.71 -28.66
CA ASN B 50 0.46 -4.50 -27.97
C ASN B 50 1.42 -4.23 -26.83
N ILE B 51 1.94 -3.02 -26.75
CA ILE B 51 2.87 -2.64 -25.67
C ILE B 51 2.58 -1.25 -25.12
N LYS B 52 2.95 -1.02 -23.86
CA LYS B 52 2.64 0.27 -23.21
C LYS B 52 3.89 1.08 -22.83
N VAL B 53 3.98 2.28 -23.41
CA VAL B 53 5.08 3.19 -23.10
C VAL B 53 4.76 4.32 -22.11
N THR B 54 5.45 4.29 -20.98
CA THR B 54 5.35 5.35 -19.98
C THR B 54 6.58 6.20 -20.07
N ILE B 55 6.39 7.40 -20.56
CA ILE B 55 7.49 8.29 -20.83
C ILE B 55 7.40 9.48 -19.91
N GLN B 56 8.56 9.95 -19.49
CA GLN B 56 8.65 10.96 -18.45
C GLN B 56 9.89 11.81 -18.57
N GLY B 57 9.74 13.10 -18.33
CA GLY B 57 10.85 14.02 -18.51
C GLY B 57 10.49 15.46 -18.24
N ASN B 58 11.07 16.37 -19.03
CA ASN B 58 10.80 17.80 -18.95
C ASN B 58 10.42 18.47 -20.28
N ASP B 59 9.49 19.41 -20.23
CA ASP B 59 8.89 20.02 -21.42
C ASP B 59 9.08 19.10 -22.62
N LEU B 60 8.25 18.06 -22.62
CA LEU B 60 8.38 16.96 -23.54
C LEU B 60 7.59 17.23 -24.79
N ASP B 61 8.10 16.75 -25.92
CA ASP B 61 7.46 17.09 -27.16
C ASP B 61 6.66 15.92 -27.70
N PHE B 62 5.39 15.92 -27.38
CA PHE B 62 4.56 14.81 -27.79
C PHE B 62 4.78 14.48 -29.27
N ASP B 63 5.30 15.45 -30.03
CA ASP B 63 5.42 15.29 -31.50
C ASP B 63 6.74 14.74 -31.95
N GLU B 64 7.80 15.09 -31.26
CA GLU B 64 9.04 14.33 -31.37
C GLU B 64 8.83 12.87 -30.98
N ILE B 65 7.92 12.61 -30.03
CA ILE B 65 7.72 11.26 -29.55
C ILE B 65 6.84 10.48 -30.50
N THR B 66 5.66 11.01 -30.76
CA THR B 66 4.77 10.37 -31.71
C THR B 66 5.48 10.02 -33.05
N ARG B 67 6.36 10.89 -33.50
CA ARG B 67 7.10 10.65 -34.74
C ARG B 67 8.16 9.53 -34.66
N ALA B 68 8.88 9.47 -33.54
CA ALA B 68 9.97 8.52 -33.32
C ALA B 68 9.45 7.06 -33.30
N ILE B 69 8.30 6.89 -32.64
CA ILE B 69 7.59 5.62 -32.52
C ILE B 69 7.20 5.13 -33.88
N GLU B 70 6.69 6.04 -34.68
CA GLU B 70 6.14 5.69 -35.96
C GLU B 70 7.26 5.28 -36.90
N SER B 71 8.37 6.01 -36.83
CA SER B 71 9.59 5.67 -37.57
C SER B 71 9.97 4.22 -37.35
N TYR B 72 9.92 3.79 -36.09
CA TYR B 72 10.31 2.42 -35.75
C TYR B 72 9.22 1.43 -36.19
N GLY B 73 8.18 1.97 -36.84
CA GLY B 73 7.05 1.18 -37.34
C GLY B 73 5.88 1.07 -36.38
N GLY B 74 5.97 1.76 -35.23
CA GLY B 74 4.93 1.76 -34.21
C GLY B 74 3.66 2.46 -34.65
N SER B 75 2.64 2.43 -33.80
CA SER B 75 1.39 3.11 -34.07
C SER B 75 0.63 3.39 -32.78
N ILE B 76 0.54 4.66 -32.41
CA ILE B 76 -0.23 5.08 -31.24
C ILE B 76 -1.71 4.72 -31.46
N HIS B 77 -2.34 4.05 -30.49
CA HIS B 77 -3.75 3.74 -30.61
C HIS B 77 -4.50 4.72 -29.77
N SER B 78 -4.02 4.85 -28.54
CA SER B 78 -4.51 5.88 -27.65
C SER B 78 -3.38 6.31 -26.72
N VAL B 79 -3.49 7.57 -26.28
CA VAL B 79 -2.72 8.12 -25.18
C VAL B 79 -3.60 7.96 -23.96
N ASP B 80 -3.09 7.23 -22.97
CA ASP B 80 -3.88 6.87 -21.82
C ASP B 80 -3.74 7.81 -20.61
N GLU B 81 -2.56 8.42 -20.43
CA GLU B 81 -2.33 9.40 -19.37
C GLU B 81 -1.32 10.49 -19.74
N VAL B 82 -1.52 11.68 -19.17
CA VAL B 82 -0.65 12.82 -19.35
C VAL B 82 -0.59 13.62 -18.06
N VAL B 83 0.64 14.00 -17.70
CA VAL B 83 0.93 14.88 -16.56
C VAL B 83 1.76 16.07 -17.05
N ALA B 84 1.19 17.27 -16.93
CA ALA B 84 1.87 18.51 -17.36
C ALA B 84 1.97 19.50 -16.23
N GLY B 85 3.11 20.17 -16.20
CA GLY B 85 3.35 21.27 -15.27
C GLY B 85 4.54 21.13 -14.35
N ARG B 86 4.52 21.94 -13.32
CA ARG B 86 5.62 22.02 -12.40
C ARG B 86 5.84 20.68 -11.68
N THR B 87 4.80 20.12 -11.08
CA THR B 87 4.90 18.93 -10.20
C THR B 87 4.26 17.62 -10.72
N MSE B 88 4.79 16.44 -10.38
CA MSE B 88 4.13 15.16 -10.75
C MSE B 88 2.82 14.93 -10.00
O MSE B 88 2.85 14.50 -8.85
CB MSE B 88 5.03 13.96 -10.42
CG MSE B 88 5.93 13.44 -11.52
SE MSE B 88 4.93 12.90 -13.10
CE MSE B 88 6.41 12.96 -14.39
N VAL B 89 1.67 15.14 -10.62
CA VAL B 89 0.42 14.82 -9.92
C VAL B 89 -0.10 13.42 -10.30
N GLU B 90 -0.31 12.54 -9.31
CA GLU B 90 -0.94 11.25 -9.57
C GLU B 90 -2.45 11.32 -9.60
N GLU B 91 -3.06 10.44 -10.39
CA GLU B 91 -4.52 10.38 -10.45
C GLU B 91 -5.09 10.05 -9.08
N VAL B 92 -6.12 10.79 -8.63
CA VAL B 92 -6.84 10.34 -7.42
C VAL B 92 -8.10 9.58 -7.81
N THR B 93 -8.46 8.64 -6.95
CA THR B 93 -9.58 7.73 -7.20
C THR B 93 -10.84 8.17 -6.42
N THR B 94 -12.00 7.63 -6.76
CA THR B 94 -13.28 8.15 -6.30
C THR B 94 -14.29 7.04 -6.56
N PRO B 95 -15.46 7.07 -5.91
CA PRO B 95 -16.64 6.42 -6.49
C PRO B 95 -17.03 7.01 -7.89
N ALA C 3 23.97 7.31 -14.69
CA ALA C 3 23.12 6.15 -15.06
C ALA C 3 22.32 6.41 -16.35
N LYS C 4 22.57 5.62 -17.40
CA LYS C 4 21.89 5.76 -18.72
C LYS C 4 21.55 4.41 -19.40
N GLY C 5 20.79 4.49 -20.50
CA GLY C 5 20.35 3.34 -21.29
C GLY C 5 19.35 2.42 -20.62
N LEU C 6 19.43 1.12 -20.93
CA LEU C 6 18.64 0.12 -20.21
C LEU C 6 19.07 0.02 -18.74
N ILE C 7 18.11 0.21 -17.82
CA ILE C 7 18.42 0.07 -16.41
C ILE C 7 17.70 -1.10 -15.75
N ARG C 8 16.60 -1.54 -16.37
CA ARG C 8 15.79 -2.64 -15.84
C ARG C 8 15.28 -3.49 -17.00
N ILE C 9 15.52 -4.80 -16.90
CA ILE C 9 15.00 -5.74 -17.88
C ILE C 9 14.24 -6.86 -17.14
N VAL C 10 13.07 -7.21 -17.65
CA VAL C 10 12.27 -8.30 -17.07
C VAL C 10 11.82 -9.25 -18.14
N LEU C 11 12.16 -10.51 -17.99
CA LEU C 11 11.81 -11.43 -19.04
C LEU C 11 11.37 -12.73 -18.45
N ASP C 12 10.46 -13.40 -19.15
CA ASP C 12 10.13 -14.76 -18.76
C ASP C 12 10.76 -15.82 -19.63
N ILE C 13 11.52 -16.68 -18.95
CA ILE C 13 12.24 -17.81 -19.57
C ILE C 13 11.74 -19.19 -19.14
N LEU C 14 11.93 -20.11 -20.07
CA LEU C 14 11.76 -21.52 -19.87
C LEU C 14 13.14 -22.16 -19.59
N LYS C 15 13.15 -23.30 -18.92
CA LYS C 15 14.35 -23.68 -18.23
C LYS C 15 14.32 -25.17 -17.78
N PRO C 16 15.08 -26.03 -18.44
CA PRO C 16 15.39 -27.34 -17.88
C PRO C 16 15.67 -27.13 -16.41
N HIS C 17 15.37 -28.11 -15.54
CA HIS C 17 15.40 -27.84 -14.09
C HIS C 17 16.79 -27.53 -13.56
N GLU C 18 17.78 -28.14 -14.22
CA GLU C 18 19.17 -27.77 -14.08
C GLU C 18 19.52 -26.78 -15.21
N PRO C 19 20.42 -25.84 -14.95
CA PRO C 19 20.99 -25.63 -13.64
C PRO C 19 19.92 -25.13 -12.67
N ILE C 20 20.19 -25.30 -11.38
CA ILE C 20 19.30 -24.83 -10.34
C ILE C 20 19.26 -23.30 -10.46
N ILE C 21 18.25 -22.65 -9.87
CA ILE C 21 17.99 -21.24 -10.14
C ILE C 21 18.87 -20.22 -9.35
N PRO C 22 19.24 -20.51 -8.09
CA PRO C 22 20.37 -19.80 -7.46
C PRO C 22 21.67 -19.77 -8.29
N GLU C 23 21.77 -20.60 -9.33
CA GLU C 23 22.90 -20.55 -10.25
C GLU C 23 22.74 -19.33 -11.07
N TYR C 24 21.66 -19.31 -11.84
CA TYR C 24 21.28 -18.17 -12.67
C TYR C 24 21.42 -16.76 -12.03
N ALA C 25 20.91 -16.62 -10.81
CA ALA C 25 21.04 -15.40 -10.02
C ALA C 25 22.53 -15.08 -9.84
N LYS C 26 23.24 -15.96 -9.13
CA LYS C 26 24.67 -15.80 -8.89
C LYS C 26 25.34 -15.34 -10.17
N TYR C 27 25.09 -16.06 -11.26
CA TYR C 27 25.74 -15.79 -12.54
C TYR C 27 25.35 -14.46 -13.17
N LEU C 28 24.09 -14.04 -13.03
CA LEU C 28 23.63 -12.85 -13.75
C LEU C 28 24.07 -11.61 -13.05
N SER C 29 24.38 -11.75 -11.77
CA SER C 29 25.12 -10.71 -11.04
C SER C 29 26.36 -10.15 -11.78
N GLU C 30 27.18 -11.05 -12.37
CA GLU C 30 28.49 -10.67 -12.90
C GLU C 30 28.45 -9.71 -14.06
N LEU C 31 27.52 -9.89 -14.98
CA LEU C 31 27.53 -9.13 -16.24
C LEU C 31 27.72 -7.59 -16.09
N ARG C 32 27.73 -6.89 -17.22
CA ARG C 32 28.14 -5.49 -17.28
C ARG C 32 27.22 -4.65 -16.44
N GLY C 33 27.77 -4.16 -15.32
CA GLY C 33 27.07 -3.28 -14.38
C GLY C 33 25.66 -3.67 -13.98
N VAL C 34 25.55 -4.73 -13.18
CA VAL C 34 24.26 -5.22 -12.76
C VAL C 34 24.10 -5.01 -11.25
N GLU C 35 23.31 -4.01 -10.88
CA GLU C 35 23.04 -3.71 -9.46
C GLU C 35 22.45 -4.93 -8.75
N GLY C 36 21.85 -5.82 -9.53
CA GLY C 36 21.09 -6.89 -8.94
C GLY C 36 20.02 -7.52 -9.80
N VAL C 37 19.81 -8.80 -9.52
CA VAL C 37 18.87 -9.65 -10.25
C VAL C 37 17.86 -10.26 -9.27
N ASN C 38 16.63 -10.44 -9.73
CA ASN C 38 15.57 -11.10 -8.96
C ASN C 38 14.98 -12.25 -9.73
N ILE C 39 15.11 -13.46 -9.22
CA ILE C 39 14.39 -14.56 -9.88
C ILE C 39 13.28 -15.15 -9.04
N THR C 40 12.07 -15.10 -9.59
CA THR C 40 10.97 -15.75 -8.94
C THR C 40 10.43 -16.91 -9.77
N LEU C 41 10.01 -17.95 -9.06
CA LEU C 41 9.45 -19.12 -9.69
C LEU C 41 8.00 -18.90 -10.11
N MSE C 42 7.77 -18.89 -11.42
CA MSE C 42 6.42 -18.88 -12.04
C MSE C 42 5.63 -20.19 -11.89
O MSE C 42 4.93 -20.37 -10.91
CB MSE C 42 6.53 -18.53 -13.55
CG MSE C 42 5.95 -17.20 -13.98
SE MSE C 42 6.21 -15.91 -12.58
CE MSE C 42 4.99 -14.38 -13.27
N GLU C 43 5.75 -21.08 -12.87
CA GLU C 43 5.09 -22.41 -12.90
C GLU C 43 6.18 -23.46 -12.76
N ILE C 44 5.87 -24.64 -12.26
CA ILE C 44 6.96 -25.61 -12.09
C ILE C 44 6.73 -27.01 -12.71
N ASP C 45 6.62 -27.07 -14.05
CA ASP C 45 6.31 -28.31 -14.81
C ASP C 45 7.36 -29.45 -14.73
N LYS C 46 7.11 -30.58 -15.41
CA LYS C 46 7.93 -31.80 -15.15
C LYS C 46 9.27 -31.96 -15.89
N GLU C 47 9.31 -31.72 -17.20
CA GLU C 47 10.63 -31.60 -17.86
C GLU C 47 11.20 -30.23 -17.54
N THR C 48 10.34 -29.30 -17.17
CA THR C 48 10.69 -27.93 -17.40
C THR C 48 10.34 -26.94 -16.26
N GLU C 49 10.71 -25.67 -16.45
CA GLU C 49 10.51 -24.60 -15.45
C GLU C 49 10.35 -23.18 -15.99
N ASN C 50 9.23 -22.56 -15.64
CA ASN C 50 8.92 -21.17 -15.96
C ASN C 50 9.43 -20.24 -14.84
N ILE C 51 10.35 -19.33 -15.13
CA ILE C 51 10.77 -18.34 -14.13
C ILE C 51 10.75 -16.93 -14.70
N LYS C 52 10.57 -15.96 -13.80
CA LYS C 52 10.55 -14.55 -14.18
C LYS C 52 11.83 -13.89 -13.71
N VAL C 53 12.66 -13.47 -14.65
CA VAL C 53 13.93 -12.80 -14.30
C VAL C 53 13.81 -11.31 -14.40
N THR C 54 14.15 -10.65 -13.30
CA THR C 54 14.12 -9.22 -13.20
C THR C 54 15.55 -8.80 -13.04
N ILE C 55 16.00 -7.90 -13.91
CA ILE C 55 17.41 -7.53 -13.91
C ILE C 55 17.56 -6.02 -13.99
N GLN C 56 18.52 -5.50 -13.23
CA GLN C 56 18.61 -4.07 -13.08
C GLN C 56 20.04 -3.64 -12.84
N GLY C 57 20.47 -2.60 -13.54
CA GLY C 57 21.80 -2.03 -13.38
C GLY C 57 21.99 -0.80 -14.24
N ASN C 58 23.25 -0.43 -14.52
CA ASN C 58 23.50 0.63 -15.48
C ASN C 58 23.85 0.14 -16.88
N ASP C 59 23.49 0.93 -17.89
CA ASP C 59 23.72 0.62 -19.31
C ASP C 59 23.78 -0.86 -19.59
N LEU C 60 22.64 -1.55 -19.52
CA LEU C 60 22.70 -3.00 -19.62
C LEU C 60 22.82 -3.51 -21.06
N ASP C 61 23.55 -4.62 -21.19
CA ASP C 61 23.85 -5.25 -22.47
C ASP C 61 22.82 -6.33 -22.81
N PHE C 62 21.87 -6.01 -23.69
CA PHE C 62 20.73 -6.91 -23.90
C PHE C 62 21.17 -8.26 -24.42
N ASP C 63 21.81 -8.22 -25.57
CA ASP C 63 22.22 -9.41 -26.31
C ASP C 63 23.29 -10.17 -25.56
N GLU C 64 23.92 -9.52 -24.59
CA GLU C 64 24.80 -10.21 -23.67
C GLU C 64 23.98 -11.10 -22.75
N ILE C 65 23.05 -10.50 -22.00
CA ILE C 65 22.09 -11.25 -21.17
C ILE C 65 21.48 -12.39 -21.96
N THR C 66 20.94 -12.03 -23.13
CA THR C 66 20.18 -12.95 -23.93
C THR C 66 21.01 -14.18 -24.32
N ARG C 67 22.24 -13.96 -24.77
CA ARG C 67 23.17 -15.06 -24.94
C ARG C 67 23.62 -15.70 -23.61
N ALA C 68 23.94 -14.89 -22.59
CA ALA C 68 24.39 -15.44 -21.30
C ALA C 68 23.40 -16.47 -20.77
N ILE C 69 22.12 -16.15 -20.95
CA ILE C 69 21.05 -17.00 -20.51
C ILE C 69 21.06 -18.36 -21.23
N GLU C 70 21.16 -18.32 -22.54
CA GLU C 70 21.10 -19.56 -23.29
C GLU C 70 22.31 -20.45 -23.02
N SER C 71 23.45 -19.83 -22.70
CA SER C 71 24.68 -20.52 -22.27
C SER C 71 24.37 -21.47 -21.14
N TYR C 72 23.10 -21.53 -20.79
CA TYR C 72 22.65 -22.31 -19.67
C TYR C 72 21.51 -23.25 -20.02
N GLY C 73 21.31 -23.46 -21.32
CA GLY C 73 20.18 -24.22 -21.84
C GLY C 73 18.87 -23.64 -21.34
N GLY C 74 18.79 -22.30 -21.31
CA GLY C 74 17.62 -21.59 -20.83
C GLY C 74 17.07 -20.81 -21.99
N SER C 75 15.77 -20.53 -22.02
CA SER C 75 15.18 -19.91 -23.20
C SER C 75 14.17 -18.74 -23.03
N ILE C 76 14.51 -17.57 -23.56
CA ILE C 76 13.64 -16.40 -23.44
C ILE C 76 12.38 -16.67 -24.20
N HIS C 77 11.25 -16.59 -23.52
CA HIS C 77 9.97 -16.68 -24.19
C HIS C 77 9.47 -15.32 -24.61
N SER C 78 9.67 -14.33 -23.74
CA SER C 78 9.24 -12.97 -24.02
C SER C 78 9.90 -11.97 -23.09
N VAL C 79 10.18 -10.77 -23.61
CA VAL C 79 10.66 -9.62 -22.80
C VAL C 79 9.44 -8.92 -22.25
N ASP C 80 9.24 -8.98 -20.94
CA ASP C 80 7.98 -8.46 -20.37
C ASP C 80 8.02 -6.96 -20.19
N GLU C 81 9.16 -6.44 -19.75
CA GLU C 81 9.28 -5.03 -19.46
C GLU C 81 10.71 -4.56 -19.63
N VAL C 82 10.88 -3.34 -20.15
CA VAL C 82 12.18 -2.68 -20.25
C VAL C 82 12.11 -1.23 -19.77
N VAL C 83 13.13 -0.80 -19.02
CA VAL C 83 13.28 0.61 -18.57
C VAL C 83 14.64 1.23 -18.98
N ALA C 84 14.57 2.45 -19.52
CA ALA C 84 15.77 3.14 -20.01
C ALA C 84 15.83 4.61 -19.66
N GLY C 85 17.05 5.09 -19.47
CA GLY C 85 17.27 6.50 -19.24
C GLY C 85 17.90 6.80 -17.90
N ARG C 86 17.88 8.08 -17.59
CA ARG C 86 18.56 8.63 -16.43
C ARG C 86 17.94 8.11 -15.14
N THR C 87 16.61 8.01 -15.07
CA THR C 87 15.90 7.61 -13.84
C THR C 87 14.83 6.51 -14.03
N MSE C 88 14.54 5.77 -12.94
CA MSE C 88 13.79 4.49 -12.95
C MSE C 88 12.29 4.61 -13.00
O MSE C 88 11.65 4.60 -11.95
CB MSE C 88 14.11 3.69 -11.67
CG MSE C 88 13.47 2.31 -11.60
SE MSE C 88 14.17 1.09 -13.01
CE MSE C 88 15.58 0.20 -11.90
N VAL C 89 11.72 4.66 -14.20
CA VAL C 89 10.28 4.87 -14.33
C VAL C 89 9.49 3.57 -14.23
N GLU C 90 8.49 3.56 -13.35
CA GLU C 90 7.56 2.43 -13.23
C GLU C 90 6.34 2.58 -14.13
N GLU C 91 5.68 1.47 -14.45
CA GLU C 91 4.40 1.53 -15.15
C GLU C 91 3.34 2.27 -14.32
N VAL C 92 2.57 3.14 -14.97
CA VAL C 92 1.37 3.69 -14.34
C VAL C 92 0.16 2.89 -14.82
N THR C 93 -0.79 2.64 -13.93
CA THR C 93 -1.96 1.85 -14.30
C THR C 93 -3.04 2.76 -14.82
N THR C 94 -4.07 2.16 -15.40
CA THR C 94 -5.19 2.91 -15.95
C THR C 94 -6.24 1.93 -16.49
N PRO C 95 -7.45 2.39 -16.80
CA PRO C 95 -8.26 1.63 -17.77
C PRO C 95 -7.63 1.67 -19.20
N ALA D 3 26.93 -5.99 -0.14
CA ALA D 3 26.18 -7.20 -0.63
C ALA D 3 26.66 -7.73 -2.00
N LYS D 4 26.93 -9.02 -2.09
CA LYS D 4 27.16 -9.63 -3.41
C LYS D 4 26.69 -11.10 -3.48
N GLY D 5 26.68 -11.65 -4.68
CA GLY D 5 26.13 -12.98 -4.89
C GLY D 5 24.74 -13.05 -4.26
N LEU D 6 24.41 -14.19 -3.62
CA LEU D 6 23.04 -14.39 -3.07
C LEU D 6 22.78 -13.59 -1.78
N ILE D 7 21.64 -12.89 -1.77
CA ILE D 7 21.35 -11.89 -0.74
C ILE D 7 19.98 -12.11 -0.09
N ARG D 8 19.12 -12.85 -0.78
CA ARG D 8 17.80 -13.23 -0.24
C ARG D 8 17.33 -14.48 -0.94
N ILE D 9 16.86 -15.45 -0.15
CA ILE D 9 16.34 -16.72 -0.70
C ILE D 9 15.02 -17.11 -0.06
N VAL D 10 14.09 -17.50 -0.91
CA VAL D 10 12.74 -17.79 -0.46
C VAL D 10 12.42 -19.22 -0.86
N LEU D 11 12.16 -20.05 0.13
CA LEU D 11 11.89 -21.43 -0.25
C LEU D 11 10.86 -22.13 0.63
N ASP D 12 10.05 -23.01 0.04
CA ASP D 12 9.02 -23.68 0.83
C ASP D 12 9.42 -25.08 1.07
N ILE D 13 9.41 -25.44 2.32
CA ILE D 13 9.93 -26.72 2.71
C ILE D 13 8.85 -27.44 3.52
N LEU D 14 8.76 -28.74 3.28
CA LEU D 14 7.95 -29.66 4.04
C LEU D 14 8.71 -30.10 5.30
N LYS D 15 8.02 -30.29 6.40
CA LYS D 15 8.67 -30.60 7.65
C LYS D 15 7.79 -31.39 8.62
N PRO D 16 8.36 -32.45 9.20
CA PRO D 16 7.78 -33.07 10.40
C PRO D 16 7.42 -32.00 11.42
N HIS D 17 6.48 -32.31 12.32
CA HIS D 17 6.11 -31.34 13.33
C HIS D 17 7.32 -30.97 14.21
N GLU D 18 8.25 -31.90 14.44
CA GLU D 18 9.54 -31.57 15.14
C GLU D 18 10.81 -31.60 14.26
N PRO D 19 11.73 -30.66 14.50
CA PRO D 19 11.57 -29.67 15.55
C PRO D 19 10.51 -28.62 15.21
N ILE D 20 10.15 -27.89 16.24
CA ILE D 20 9.23 -26.78 16.17
C ILE D 20 9.84 -25.69 15.26
N ILE D 21 9.08 -24.63 15.02
CA ILE D 21 9.49 -23.66 14.00
C ILE D 21 10.41 -22.56 14.54
N PRO D 22 10.20 -22.07 15.76
CA PRO D 22 11.14 -21.11 16.28
C PRO D 22 12.55 -21.74 16.25
N GLU D 23 12.61 -23.03 16.57
CA GLU D 23 13.88 -23.75 16.59
C GLU D 23 14.65 -23.47 15.32
N TYR D 24 14.05 -23.83 14.20
CA TYR D 24 14.63 -23.65 12.90
C TYR D 24 15.08 -22.22 12.75
N ALA D 25 14.21 -21.29 13.16
CA ALA D 25 14.48 -19.87 12.97
C ALA D 25 15.79 -19.51 13.65
N LYS D 26 15.87 -19.78 14.95
CA LYS D 26 17.10 -19.58 15.72
C LYS D 26 18.29 -20.15 14.96
N TYR D 27 18.29 -21.45 14.71
CA TYR D 27 19.39 -22.14 14.02
C TYR D 27 19.84 -21.49 12.70
N LEU D 28 18.90 -20.96 11.93
CA LEU D 28 19.24 -20.38 10.63
C LEU D 28 19.82 -18.96 10.72
N SER D 29 19.61 -18.30 11.86
CA SER D 29 20.27 -17.04 12.11
C SER D 29 21.79 -17.21 12.04
N GLU D 30 22.28 -18.43 12.33
CA GLU D 30 23.72 -18.72 12.42
C GLU D 30 24.50 -18.60 11.13
N LEU D 31 23.95 -19.19 10.08
CA LEU D 31 24.67 -19.53 8.84
C LEU D 31 25.51 -18.40 8.20
N ARG D 32 26.42 -18.76 7.30
CA ARG D 32 27.47 -17.85 6.82
C ARG D 32 26.96 -16.57 6.13
N GLY D 33 26.98 -15.48 6.89
CA GLY D 33 26.58 -14.15 6.40
C GLY D 33 25.08 -13.89 6.38
N VAL D 34 24.38 -14.31 7.43
CA VAL D 34 22.91 -14.33 7.40
C VAL D 34 22.31 -13.17 8.17
N GLU D 35 21.88 -12.16 7.42
CA GLU D 35 21.29 -10.98 8.03
C GLU D 35 20.11 -11.36 8.92
N GLY D 36 19.19 -12.20 8.42
CA GLY D 36 18.07 -12.62 9.26
C GLY D 36 17.07 -13.48 8.54
N VAL D 37 16.25 -14.19 9.31
CA VAL D 37 15.29 -15.17 8.76
C VAL D 37 13.81 -15.05 9.22
N ASN D 38 12.91 -15.19 8.24
CA ASN D 38 11.47 -15.23 8.47
C ASN D 38 10.96 -16.60 8.06
N ILE D 39 10.06 -17.14 8.89
CA ILE D 39 9.38 -18.37 8.57
C ILE D 39 7.90 -18.21 8.93
N THR D 40 7.03 -18.19 7.92
CA THR D 40 5.60 -18.26 8.20
C THR D 40 5.07 -19.67 7.90
N LEU D 41 3.96 -19.99 8.54
CA LEU D 41 3.36 -21.31 8.51
C LEU D 41 2.31 -21.37 7.42
N MSE D 42 2.61 -22.18 6.42
CA MSE D 42 1.81 -22.28 5.22
C MSE D 42 0.49 -23.01 5.43
O MSE D 42 -0.56 -22.41 5.28
CB MSE D 42 2.63 -22.98 4.14
CG MSE D 42 2.57 -22.32 2.81
SE MSE D 42 3.06 -20.42 2.96
CE MSE D 42 3.94 -20.24 1.04
N GLU D 43 0.58 -24.30 5.74
CA GLU D 43 -0.55 -25.24 5.87
C GLU D 43 -0.04 -26.36 6.77
N ILE D 44 -0.86 -26.78 7.71
CA ILE D 44 -0.36 -27.61 8.76
C ILE D 44 -1.09 -28.96 8.80
N ASP D 45 -0.93 -29.75 7.72
CA ASP D 45 -1.38 -31.17 7.60
C ASP D 45 -1.00 -32.01 8.85
N LYS D 46 -1.55 -33.23 8.94
CA LYS D 46 -1.61 -34.00 10.21
C LYS D 46 -0.29 -34.62 10.61
N GLU D 47 0.41 -35.07 9.58
CA GLU D 47 1.75 -35.64 9.73
C GLU D 47 2.85 -34.59 9.90
N THR D 48 2.61 -33.43 9.32
CA THR D 48 3.66 -32.74 8.66
C THR D 48 3.28 -31.29 8.60
N GLU D 49 4.21 -30.46 8.14
CA GLU D 49 4.05 -29.01 8.24
C GLU D 49 4.77 -28.29 7.11
N ASN D 50 4.00 -27.69 6.22
CA ASN D 50 4.57 -26.89 5.16
C ASN D 50 4.89 -25.56 5.75
N ILE D 51 6.15 -25.14 5.75
CA ILE D 51 6.46 -23.75 6.05
C ILE D 51 7.12 -23.07 4.86
N LYS D 52 7.02 -21.73 4.87
CA LYS D 52 7.79 -20.83 3.96
C LYS D 52 9.08 -20.26 4.62
N VAL D 53 10.18 -20.32 3.90
CA VAL D 53 11.46 -19.82 4.41
C VAL D 53 12.01 -18.63 3.64
N THR D 54 12.09 -17.51 4.37
CA THR D 54 12.68 -16.27 3.88
C THR D 54 13.96 -15.88 4.62
N ILE D 55 15.05 -16.00 3.88
CA ILE D 55 16.37 -15.90 4.42
C ILE D 55 17.09 -14.83 3.60
N GLN D 56 17.54 -13.77 4.26
CA GLN D 56 18.31 -12.75 3.54
C GLN D 56 19.59 -12.41 4.28
N GLY D 57 20.55 -11.90 3.53
CA GLY D 57 21.92 -11.64 4.01
C GLY D 57 22.93 -11.38 2.89
N ASN D 58 24.23 -11.50 3.23
CA ASN D 58 25.29 -11.28 2.25
C ASN D 58 25.98 -12.57 1.82
N ASP D 59 26.18 -12.65 0.51
CA ASP D 59 26.66 -13.83 -0.18
C ASP D 59 26.30 -15.08 0.62
N LEU D 60 25.01 -15.43 0.60
CA LEU D 60 24.55 -16.57 1.35
C LEU D 60 24.95 -17.78 0.57
N ASP D 61 25.32 -18.85 1.28
CA ASP D 61 25.74 -20.07 0.64
C ASP D 61 24.56 -21.03 0.56
N PHE D 62 24.14 -21.33 -0.66
CA PHE D 62 22.94 -22.15 -0.91
C PHE D 62 23.06 -23.57 -0.36
N ASP D 63 24.21 -24.20 -0.61
CA ASP D 63 24.47 -25.59 -0.22
C ASP D 63 24.51 -25.73 1.28
N GLU D 64 25.09 -24.73 1.94
CA GLU D 64 25.08 -24.61 3.39
C GLU D 64 23.67 -24.73 3.89
N ILE D 65 22.77 -23.97 3.25
CA ILE D 65 21.41 -23.82 3.76
C ILE D 65 20.60 -25.08 3.58
N THR D 66 20.50 -25.56 2.36
CA THR D 66 19.71 -26.74 2.08
C THR D 66 20.06 -27.79 3.10
N ARG D 67 21.37 -28.07 3.24
CA ARG D 67 21.91 -29.06 4.17
C ARG D 67 21.58 -28.73 5.62
N ALA D 68 21.60 -27.46 5.99
CA ALA D 68 21.20 -27.09 7.34
C ALA D 68 19.76 -27.54 7.63
N ILE D 69 18.88 -27.39 6.62
CA ILE D 69 17.44 -27.72 6.72
C ILE D 69 17.13 -29.23 6.74
N GLU D 70 17.80 -29.97 5.87
CA GLU D 70 17.63 -31.39 5.78
C GLU D 70 18.06 -31.94 7.09
N SER D 71 19.33 -31.76 7.41
CA SER D 71 19.90 -32.19 8.68
C SER D 71 18.95 -31.89 9.78
N TYR D 72 18.06 -30.93 9.56
CA TYR D 72 17.15 -30.54 10.61
C TYR D 72 15.86 -31.38 10.72
N GLY D 73 15.60 -32.21 9.71
CA GLY D 73 14.32 -32.90 9.57
C GLY D 73 13.54 -32.42 8.34
N GLY D 74 13.73 -31.15 8.01
CA GLY D 74 13.04 -30.57 6.87
C GLY D 74 13.46 -31.16 5.53
N SER D 75 12.72 -30.79 4.49
CA SER D 75 12.91 -31.27 3.15
C SER D 75 12.47 -30.17 2.19
N ILE D 76 13.24 -29.88 1.15
CA ILE D 76 12.98 -28.69 0.31
C ILE D 76 12.11 -29.02 -0.90
N HIS D 77 10.91 -28.45 -0.97
CA HIS D 77 10.08 -28.68 -2.14
C HIS D 77 10.39 -27.78 -3.32
N SER D 78 10.42 -26.48 -3.12
CA SER D 78 10.93 -25.63 -4.19
C SER D 78 11.71 -24.44 -3.71
N VAL D 79 12.46 -23.83 -4.62
CA VAL D 79 12.96 -22.48 -4.42
C VAL D 79 11.95 -21.55 -5.07
N ASP D 80 11.28 -20.75 -4.27
CA ASP D 80 10.25 -19.89 -4.83
C ASP D 80 10.83 -18.60 -5.38
N GLU D 81 11.90 -18.10 -4.73
CA GLU D 81 12.56 -16.86 -5.17
C GLU D 81 13.94 -16.59 -4.59
N VAL D 82 14.79 -15.92 -5.39
CA VAL D 82 16.16 -15.52 -5.02
C VAL D 82 16.52 -14.11 -5.47
N VAL D 83 17.41 -13.45 -4.72
CA VAL D 83 17.95 -12.14 -5.08
C VAL D 83 19.47 -12.18 -4.94
N ALA D 84 20.13 -11.82 -6.04
CA ALA D 84 21.58 -11.85 -6.11
C ALA D 84 22.05 -10.55 -6.70
N GLY D 85 22.99 -9.90 -6.00
CA GLY D 85 23.55 -8.63 -6.44
C GLY D 85 23.82 -7.58 -5.36
N ARG D 86 24.15 -6.38 -5.85
CA ARG D 86 24.53 -5.21 -5.02
C ARG D 86 23.31 -4.65 -4.27
N THR D 87 22.14 -4.67 -4.91
CA THR D 87 20.91 -4.22 -4.28
C THR D 87 19.75 -5.21 -4.44
N MSE D 88 18.83 -5.18 -3.47
CA MSE D 88 17.56 -5.97 -3.46
C MSE D 88 16.61 -5.64 -4.58
O MSE D 88 15.74 -4.81 -4.39
CB MSE D 88 16.75 -5.66 -2.19
CG MSE D 88 17.09 -6.41 -0.96
SE MSE D 88 16.82 -8.34 -1.06
CE MSE D 88 16.78 -8.62 0.94
N VAL D 89 16.71 -6.28 -5.73
CA VAL D 89 15.64 -6.13 -6.70
C VAL D 89 14.41 -7.00 -6.32
N GLU D 90 13.31 -6.34 -5.96
CA GLU D 90 11.98 -6.98 -5.84
C GLU D 90 11.47 -7.39 -7.19
N GLU D 91 10.48 -8.28 -7.23
CA GLU D 91 9.97 -8.74 -8.51
C GLU D 91 9.05 -7.68 -9.10
N VAL D 92 9.21 -7.34 -10.38
CA VAL D 92 8.26 -6.40 -10.96
C VAL D 92 7.21 -7.16 -11.73
N THR D 93 5.97 -6.85 -11.36
CA THR D 93 4.80 -7.59 -11.74
C THR D 93 4.15 -6.99 -13.01
N THR D 94 3.54 -7.86 -13.81
CA THR D 94 3.13 -7.60 -15.20
C THR D 94 2.12 -8.71 -15.61
N PRO D 95 1.20 -8.42 -16.52
CA PRO D 95 0.34 -9.50 -17.07
C PRO D 95 1.20 -10.62 -17.74
N ALA E 3 20.57 -6.80 18.09
CA ALA E 3 19.52 -7.87 18.09
C ALA E 3 20.00 -9.24 17.58
N LYS E 4 19.68 -10.30 18.33
CA LYS E 4 19.88 -11.68 17.87
C LYS E 4 18.82 -12.68 18.38
N GLY E 5 18.61 -13.74 17.59
CA GLY E 5 17.61 -14.74 17.92
C GLY E 5 16.18 -14.28 17.70
N LEU E 6 15.32 -14.62 18.65
CA LEU E 6 13.87 -14.55 18.43
C LEU E 6 13.31 -13.18 18.64
N ILE E 7 13.19 -12.46 17.53
CA ILE E 7 12.80 -11.06 17.56
C ILE E 7 11.31 -10.84 17.34
N ARG E 8 10.65 -11.81 16.70
CA ARG E 8 9.19 -11.77 16.42
C ARG E 8 8.58 -13.15 16.52
N ILE E 9 7.41 -13.22 17.15
CA ILE E 9 6.73 -14.49 17.39
C ILE E 9 5.24 -14.21 17.27
N VAL E 10 4.54 -15.00 16.46
CA VAL E 10 3.10 -14.76 16.23
C VAL E 10 2.41 -16.06 16.50
N LEU E 11 1.52 -16.11 17.46
CA LEU E 11 0.87 -17.36 17.65
C LEU E 11 -0.57 -17.21 17.97
N ASP E 12 -1.37 -18.17 17.47
CA ASP E 12 -2.82 -18.19 17.75
C ASP E 12 -3.10 -19.14 18.91
N ILE E 13 -3.80 -18.63 19.92
CA ILE E 13 -4.10 -19.42 21.10
C ILE E 13 -5.57 -19.38 21.44
N LEU E 14 -6.10 -20.53 21.83
CA LEU E 14 -7.40 -20.59 22.49
C LEU E 14 -7.26 -20.18 23.96
N LYS E 15 -8.33 -19.64 24.53
CA LYS E 15 -8.32 -19.11 25.88
C LYS E 15 -9.76 -18.97 26.37
N PRO E 16 -10.02 -19.05 27.68
CA PRO E 16 -11.38 -18.79 28.18
C PRO E 16 -11.59 -17.30 28.25
N HIS E 17 -12.84 -16.85 28.35
CA HIS E 17 -13.13 -15.41 28.46
C HIS E 17 -12.28 -14.73 29.51
N GLU E 18 -11.69 -15.55 30.39
CA GLU E 18 -10.86 -15.11 31.54
C GLU E 18 -9.38 -15.47 31.47
N PRO E 19 -8.54 -14.55 31.91
CA PRO E 19 -8.98 -13.18 32.21
C PRO E 19 -9.12 -12.31 30.94
N ILE E 20 -9.82 -11.19 31.08
CA ILE E 20 -9.93 -10.16 30.04
C ILE E 20 -8.60 -9.96 29.29
N ILE E 21 -8.66 -9.88 27.98
CA ILE E 21 -7.45 -9.84 27.15
C ILE E 21 -6.38 -8.80 27.51
N PRO E 22 -6.73 -7.57 27.96
CA PRO E 22 -5.72 -6.56 28.32
C PRO E 22 -4.75 -7.04 29.40
N GLU E 23 -5.23 -7.93 30.29
CA GLU E 23 -4.38 -8.64 31.24
C GLU E 23 -3.21 -9.39 30.60
N TYR E 24 -3.51 -10.28 29.64
CA TYR E 24 -2.49 -11.07 28.92
C TYR E 24 -1.48 -10.18 28.19
N ALA E 25 -1.96 -9.06 27.64
CA ALA E 25 -1.08 -8.04 27.02
C ALA E 25 -0.24 -7.32 28.08
N LYS E 26 -0.95 -6.74 29.05
CA LYS E 26 -0.37 -6.05 30.19
C LYS E 26 0.72 -6.90 30.80
N TYR E 27 0.45 -8.20 30.93
CA TYR E 27 1.44 -9.15 31.40
C TYR E 27 2.55 -9.41 30.38
N LEU E 28 2.27 -10.16 29.31
CA LEU E 28 3.28 -10.54 28.31
C LEU E 28 4.18 -9.39 27.87
N SER E 29 3.79 -8.15 28.19
CA SER E 29 4.65 -6.99 27.99
C SER E 29 5.90 -7.16 28.83
N GLU E 30 5.67 -7.52 30.10
CA GLU E 30 6.69 -7.65 31.17
C GLU E 30 7.78 -8.71 30.97
N LEU E 31 7.53 -9.71 30.12
CA LEU E 31 8.52 -10.78 29.90
C LEU E 31 9.89 -10.32 29.42
N ARG E 32 10.85 -11.26 29.41
CA ARG E 32 12.25 -10.95 29.11
C ARG E 32 12.54 -10.61 27.65
N GLY E 33 12.79 -9.33 27.39
CA GLY E 33 13.27 -8.90 26.08
C GLY E 33 12.18 -8.42 25.13
N VAL E 34 10.93 -8.43 25.60
CA VAL E 34 9.79 -7.94 24.82
C VAL E 34 9.79 -6.42 24.66
N GLU E 35 9.89 -5.93 23.43
CA GLU E 35 9.69 -4.51 23.12
C GLU E 35 8.19 -4.23 23.27
N GLY E 36 7.39 -4.74 22.34
CA GLY E 36 5.92 -4.61 22.36
C GLY E 36 5.19 -5.94 22.27
N VAL E 37 3.93 -5.94 22.70
CA VAL E 37 3.03 -7.06 22.39
C VAL E 37 1.69 -6.59 21.86
N ASN E 38 1.22 -7.31 20.83
CA ASN E 38 -0.06 -7.09 20.18
C ASN E 38 -0.92 -8.35 20.25
N ILE E 39 -2.17 -8.15 20.66
CA ILE E 39 -3.15 -9.22 20.70
C ILE E 39 -4.35 -8.73 19.93
N THR E 40 -4.64 -9.30 18.77
CA THR E 40 -5.93 -8.98 18.18
C THR E 40 -6.94 -10.10 18.43
N LEU E 41 -8.19 -9.72 18.55
CA LEU E 41 -9.27 -10.67 18.74
C LEU E 41 -9.53 -11.39 17.44
N MSE E 42 -9.53 -12.71 17.51
CA MSE E 42 -9.84 -13.51 16.36
C MSE E 42 -11.35 -13.76 16.22
O MSE E 42 -11.95 -13.34 15.24
CB MSE E 42 -9.12 -14.83 16.48
CG MSE E 42 -8.44 -15.22 15.23
SE MSE E 42 -7.43 -13.70 14.58
CE MSE E 42 -6.50 -14.72 13.03
N GLU E 43 -11.93 -14.44 17.20
CA GLU E 43 -13.31 -14.93 17.15
C GLU E 43 -13.64 -15.08 18.62
N ILE E 44 -14.91 -15.13 18.96
CA ILE E 44 -15.25 -15.36 20.34
C ILE E 44 -16.50 -16.19 20.38
N ASP E 45 -16.32 -17.40 20.91
CA ASP E 45 -17.33 -18.45 21.01
C ASP E 45 -17.95 -18.35 22.40
N LYS E 46 -18.97 -19.17 22.67
CA LYS E 46 -19.77 -19.03 23.91
C LYS E 46 -18.93 -19.24 25.16
N GLU E 47 -17.99 -20.15 25.00
CA GLU E 47 -17.36 -20.84 26.07
C GLU E 47 -15.93 -20.40 26.20
N THR E 48 -15.48 -19.62 25.23
CA THR E 48 -14.08 -19.55 24.97
C THR E 48 -13.77 -18.55 23.88
N GLU E 49 -12.51 -18.51 23.44
CA GLU E 49 -12.00 -17.35 22.72
C GLU E 49 -10.67 -17.54 21.98
N ASN E 50 -10.72 -17.29 20.67
CA ASN E 50 -9.56 -17.34 19.83
C ASN E 50 -8.86 -15.96 19.76
N ILE E 51 -7.52 -15.94 19.85
CA ILE E 51 -6.77 -14.70 19.62
C ILE E 51 -5.41 -14.86 18.95
N LYS E 52 -5.03 -13.87 18.14
CA LYS E 52 -3.71 -13.86 17.55
C LYS E 52 -2.89 -13.05 18.50
N VAL E 53 -1.60 -13.33 18.54
CA VAL E 53 -0.72 -12.74 19.54
C VAL E 53 0.64 -12.49 18.91
N THR E 54 0.88 -11.23 18.59
CA THR E 54 2.14 -10.86 17.99
C THR E 54 3.00 -10.35 19.11
N ILE E 55 4.17 -10.95 19.21
CA ILE E 55 5.17 -10.48 20.15
C ILE E 55 6.50 -10.27 19.45
N GLN E 56 7.07 -9.10 19.74
CA GLN E 56 8.28 -8.60 19.15
C GLN E 56 9.15 -8.26 20.32
N GLY E 57 10.47 -8.48 20.18
CA GLY E 57 11.49 -8.08 21.17
C GLY E 57 12.92 -8.48 20.80
N ASN E 58 13.84 -8.47 21.75
CA ASN E 58 15.13 -9.07 21.48
C ASN E 58 15.36 -10.33 22.24
N ASP E 59 15.94 -11.30 21.54
CA ASP E 59 16.16 -12.63 22.05
C ASP E 59 15.12 -13.05 23.08
N LEU E 60 13.87 -13.04 22.65
CA LEU E 60 12.77 -13.57 23.43
C LEU E 60 13.01 -15.05 23.61
N ASP E 61 12.76 -15.54 24.81
CA ASP E 61 12.92 -16.95 25.08
C ASP E 61 11.58 -17.59 24.82
N PHE E 62 11.55 -18.52 23.87
CA PHE E 62 10.29 -19.11 23.39
C PHE E 62 9.48 -19.81 24.47
N ASP E 63 10.17 -20.23 25.53
CA ASP E 63 9.58 -21.08 26.54
C ASP E 63 8.98 -20.31 27.71
N GLU E 64 9.64 -19.22 28.07
CA GLU E 64 9.07 -18.29 29.03
C GLU E 64 7.68 -17.91 28.52
N ILE E 65 7.65 -17.41 27.29
CA ILE E 65 6.46 -16.85 26.70
C ILE E 65 5.29 -17.83 26.78
N THR E 66 5.53 -19.05 26.28
CA THR E 66 4.53 -20.10 26.20
C THR E 66 4.00 -20.53 27.57
N ARG E 67 4.96 -20.73 28.50
CA ARG E 67 4.67 -20.98 29.91
C ARG E 67 3.77 -19.87 30.47
N ALA E 68 4.20 -18.62 30.27
CA ALA E 68 3.39 -17.43 30.57
C ALA E 68 1.93 -17.60 30.12
N ILE E 69 1.72 -17.94 28.85
CA ILE E 69 0.35 -17.99 28.37
C ILE E 69 -0.43 -19.13 29.01
N GLU E 70 0.26 -20.25 29.25
CA GLU E 70 -0.35 -21.45 29.82
C GLU E 70 -0.82 -21.14 31.22
N SER E 71 0.07 -20.52 32.00
CA SER E 71 -0.19 -20.17 33.40
C SER E 71 -1.36 -19.20 33.54
N TYR E 72 -1.83 -18.72 32.41
CA TYR E 72 -2.97 -17.84 32.36
C TYR E 72 -4.24 -18.54 31.88
N GLY E 73 -4.04 -19.74 31.34
CA GLY E 73 -5.13 -20.64 30.97
C GLY E 73 -5.58 -20.58 29.53
N GLY E 74 -4.64 -20.48 28.62
CA GLY E 74 -4.97 -20.58 27.21
C GLY E 74 -3.91 -21.45 26.62
N SER E 75 -4.21 -22.13 25.50
CA SER E 75 -3.18 -22.98 24.89
C SER E 75 -2.80 -22.58 23.47
N ILE E 76 -1.52 -22.74 23.14
CA ILE E 76 -1.00 -22.42 21.85
C ILE E 76 -1.47 -23.42 20.77
N HIS E 77 -2.59 -23.14 20.10
CA HIS E 77 -2.96 -23.88 18.87
C HIS E 77 -1.91 -23.93 17.77
N SER E 78 -1.15 -22.86 17.53
CA SER E 78 -0.03 -22.94 16.59
C SER E 78 0.81 -21.70 16.48
N VAL E 79 2.03 -21.90 16.00
CA VAL E 79 3.02 -20.86 15.82
C VAL E 79 3.03 -20.50 14.33
N ASP E 80 2.51 -19.31 14.05
CA ASP E 80 2.10 -18.96 12.72
C ASP E 80 3.27 -18.38 12.02
N GLU E 81 4.15 -17.77 12.81
CA GLU E 81 5.27 -17.04 12.26
C GLU E 81 6.23 -16.63 13.33
N VAL E 82 7.49 -16.60 12.90
CA VAL E 82 8.64 -16.40 13.72
C VAL E 82 9.67 -15.60 12.89
N VAL E 83 10.20 -14.55 13.50
CA VAL E 83 11.31 -13.82 12.90
C VAL E 83 12.51 -13.85 13.84
N ALA E 84 13.62 -14.27 13.27
CA ALA E 84 14.82 -14.51 14.02
C ALA E 84 15.96 -13.93 13.24
N GLY E 85 17.00 -13.52 13.96
CA GLY E 85 18.13 -12.81 13.35
C GLY E 85 18.27 -11.36 13.79
N ARG E 86 19.10 -10.64 13.05
CA ARG E 86 19.61 -9.34 13.44
C ARG E 86 18.57 -8.31 13.09
N THR E 87 17.87 -8.58 11.99
CA THR E 87 17.05 -7.61 11.25
C THR E 87 15.68 -8.21 10.82
N MSE E 88 14.59 -7.46 11.04
CA MSE E 88 13.19 -7.89 10.76
C MSE E 88 12.93 -8.29 9.31
O MSE E 88 12.57 -7.44 8.49
CB MSE E 88 12.20 -6.79 11.11
CG MSE E 88 11.80 -6.75 12.55
SE MSE E 88 10.71 -8.29 12.92
CE MSE E 88 10.39 -8.04 14.89
N VAL E 89 13.08 -9.57 9.00
CA VAL E 89 12.74 -10.01 7.68
C VAL E 89 11.23 -10.21 7.66
N GLU E 90 10.62 -9.65 6.62
CA GLU E 90 9.19 -9.72 6.40
C GLU E 90 8.98 -10.78 5.35
N GLU E 91 7.76 -11.32 5.28
CA GLU E 91 7.46 -12.46 4.39
C GLU E 91 7.38 -12.02 2.92
N VAL E 92 8.14 -12.67 2.05
CA VAL E 92 7.97 -12.30 0.64
C VAL E 92 6.96 -13.17 -0.09
N THR E 93 5.93 -12.52 -0.66
CA THR E 93 4.87 -13.26 -1.35
C THR E 93 5.22 -13.57 -2.81
N THR E 94 4.73 -14.72 -3.25
CA THR E 94 5.17 -15.43 -4.46
C THR E 94 3.98 -16.31 -4.94
N PRO E 95 3.94 -16.76 -6.20
CA PRO E 95 2.98 -17.82 -6.54
C PRO E 95 3.27 -19.15 -5.84
N ALA F 3 6.19 5.07 27.95
CA ALA F 3 5.98 3.91 27.03
C ALA F 3 6.03 2.59 27.84
N LYS F 4 4.99 2.38 28.64
CA LYS F 4 4.79 1.11 29.31
C LYS F 4 3.30 0.86 29.52
N GLY F 5 2.96 -0.43 29.58
CA GLY F 5 1.60 -0.89 29.81
C GLY F 5 0.82 -0.74 28.55
N LEU F 6 -0.51 -0.66 28.72
CA LEU F 6 -1.46 -0.48 27.61
C LEU F 6 -1.21 0.77 26.77
N ILE F 7 -0.77 0.60 25.53
CA ILE F 7 -0.63 1.75 24.65
C ILE F 7 -1.61 1.84 23.46
N ARG F 8 -2.69 1.07 23.49
CA ARG F 8 -3.68 1.05 22.39
C ARG F 8 -4.77 0.04 22.70
N ILE F 9 -6.01 0.49 22.68
CA ILE F 9 -7.11 -0.39 22.98
C ILE F 9 -8.22 -0.10 22.02
N VAL F 10 -8.62 -1.11 21.26
CA VAL F 10 -9.76 -1.00 20.37
C VAL F 10 -10.97 -1.72 20.93
N LEU F 11 -11.98 -0.98 21.35
CA LEU F 11 -13.19 -1.68 21.80
C LEU F 11 -14.45 -1.42 20.97
N ASP F 12 -15.24 -2.45 20.72
CA ASP F 12 -16.49 -2.26 19.99
C ASP F 12 -17.68 -2.16 20.93
N ILE F 13 -18.44 -1.09 20.78
CA ILE F 13 -19.44 -0.79 21.77
C ILE F 13 -20.71 -0.15 21.26
N LEU F 14 -21.78 -0.49 21.95
CA LEU F 14 -23.12 -0.09 21.62
C LEU F 14 -23.46 1.05 22.53
N LYS F 15 -23.94 2.14 21.96
CA LYS F 15 -24.36 3.29 22.74
C LYS F 15 -25.69 3.75 22.19
N PRO F 16 -26.53 4.29 23.07
CA PRO F 16 -27.75 4.95 22.59
C PRO F 16 -27.29 6.08 21.70
N HIS F 17 -28.12 6.46 20.75
CA HIS F 17 -27.87 7.63 19.88
C HIS F 17 -27.15 8.79 20.58
N GLU F 18 -27.75 9.28 21.66
CA GLU F 18 -27.18 10.35 22.44
C GLU F 18 -26.34 9.75 23.59
N PRO F 19 -25.30 10.45 24.07
CA PRO F 19 -24.76 11.66 23.41
C PRO F 19 -24.07 11.36 22.09
N ILE F 20 -24.10 12.37 21.23
CA ILE F 20 -23.55 12.31 19.92
C ILE F 20 -22.10 11.84 20.00
N ILE F 21 -21.53 11.53 18.85
CA ILE F 21 -20.28 10.77 18.82
C ILE F 21 -18.97 11.55 19.14
N PRO F 22 -18.88 12.83 18.78
CA PRO F 22 -17.73 13.65 19.15
C PRO F 22 -17.76 14.15 20.60
N GLU F 23 -18.76 13.73 21.38
CA GLU F 23 -18.79 14.01 22.81
C GLU F 23 -17.78 13.13 23.50
N TYR F 24 -17.96 11.82 23.27
CA TYR F 24 -17.09 10.76 23.77
C TYR F 24 -15.68 11.10 23.38
N ALA F 25 -15.53 11.48 22.13
CA ALA F 25 -14.23 11.74 21.59
C ALA F 25 -13.57 12.74 22.49
N LYS F 26 -14.28 13.85 22.68
CA LYS F 26 -13.88 14.96 23.53
C LYS F 26 -13.54 14.41 24.89
N TYR F 27 -14.56 13.85 25.53
CA TYR F 27 -14.43 13.33 26.87
C TYR F 27 -13.23 12.39 27.08
N LEU F 28 -13.13 11.37 26.25
CA LEU F 28 -12.17 10.29 26.44
C LEU F 28 -10.76 10.79 26.25
N SER F 29 -10.61 11.78 25.39
CA SER F 29 -9.33 12.43 25.22
C SER F 29 -8.81 12.98 26.54
N GLU F 30 -9.70 13.55 27.36
CA GLU F 30 -9.34 14.15 28.68
C GLU F 30 -9.12 13.10 29.77
N LEU F 31 -8.97 11.85 29.38
CA LEU F 31 -8.71 10.80 30.35
C LEU F 31 -7.22 10.63 30.53
N ARG F 32 -6.80 10.00 31.63
CA ARG F 32 -5.37 9.86 31.96
C ARG F 32 -4.64 9.09 30.86
N GLY F 33 -3.36 9.39 30.66
CA GLY F 33 -2.50 8.76 29.63
C GLY F 33 -2.85 8.91 28.15
N VAL F 34 -4.04 9.44 27.88
CA VAL F 34 -4.68 9.33 26.57
C VAL F 34 -4.13 10.35 25.56
N GLU F 35 -3.30 9.87 24.63
CA GLU F 35 -2.80 10.70 23.54
C GLU F 35 -3.83 11.01 22.52
N GLY F 36 -4.74 10.09 22.27
CA GLY F 36 -5.70 10.27 21.18
C GLY F 36 -6.83 9.28 21.17
N VAL F 37 -7.87 9.61 20.43
CA VAL F 37 -9.04 8.79 20.37
C VAL F 37 -9.61 8.86 18.97
N ASN F 38 -9.78 7.70 18.34
CA ASN F 38 -10.57 7.59 17.13
C ASN F 38 -11.91 6.88 17.39
N ILE F 39 -12.98 7.45 16.89
CA ILE F 39 -14.25 6.76 16.95
C ILE F 39 -14.86 6.78 15.58
N THR F 40 -14.83 5.66 14.90
CA THR F 40 -15.63 5.58 13.71
C THR F 40 -16.95 4.91 14.04
N LEU F 41 -17.93 5.16 13.18
CA LEU F 41 -19.28 4.66 13.33
C LEU F 41 -19.31 3.33 12.64
N MSE F 42 -19.80 2.32 13.34
CA MSE F 42 -19.82 0.95 12.84
C MSE F 42 -21.06 0.70 12.03
O MSE F 42 -20.97 0.30 10.87
CB MSE F 42 -19.77 -0.04 14.01
CG MSE F 42 -18.82 -1.17 13.81
SE MSE F 42 -17.24 -0.42 12.88
CE MSE F 42 -16.11 -2.10 12.77
N GLU F 43 -22.21 0.93 12.67
CA GLU F 43 -23.55 0.60 12.20
C GLU F 43 -24.52 1.36 13.10
N ILE F 44 -25.73 1.57 12.62
CA ILE F 44 -26.69 2.40 13.34
C ILE F 44 -28.09 1.90 13.09
N ASP F 45 -28.77 1.56 14.19
CA ASP F 45 -30.09 0.92 14.15
C ASP F 45 -31.11 1.90 14.71
N LYS F 46 -32.39 1.48 14.80
CA LYS F 46 -33.47 2.39 15.19
C LYS F 46 -33.26 2.94 16.59
N GLU F 47 -33.13 2.01 17.53
CA GLU F 47 -32.93 2.35 18.92
C GLU F 47 -31.52 2.81 19.25
N THR F 48 -30.55 2.31 18.50
CA THR F 48 -29.17 2.16 19.00
C THR F 48 -28.07 2.28 17.93
N GLU F 49 -26.82 2.39 18.39
CA GLU F 49 -25.70 2.77 17.53
C GLU F 49 -24.46 2.00 17.92
N ASN F 50 -23.87 1.30 16.96
CA ASN F 50 -22.72 0.49 17.25
C ASN F 50 -21.58 1.24 16.68
N ILE F 51 -20.59 1.58 17.50
CA ILE F 51 -19.37 2.23 17.03
C ILE F 51 -18.12 1.60 17.60
N LYS F 52 -16.98 1.87 16.97
CA LYS F 52 -15.73 1.31 17.43
C LYS F 52 -14.85 2.39 18.02
N VAL F 53 -14.21 2.08 19.14
CA VAL F 53 -13.41 3.05 19.86
C VAL F 53 -11.96 2.60 19.96
N THR F 54 -11.12 3.19 19.12
CA THR F 54 -9.67 2.94 19.11
C THR F 54 -9.08 3.99 20.00
N ILE F 55 -8.21 3.56 20.90
CA ILE F 55 -7.64 4.51 21.83
C ILE F 55 -6.14 4.26 22.01
N GLN F 56 -5.40 5.35 22.08
CA GLN F 56 -3.98 5.29 22.02
C GLN F 56 -3.45 6.20 23.12
N GLY F 57 -2.30 5.85 23.67
CA GLY F 57 -1.72 6.62 24.74
C GLY F 57 -0.52 6.00 25.41
N ASN F 58 -0.60 5.87 26.73
CA ASN F 58 0.55 5.49 27.52
C ASN F 58 0.14 5.05 28.93
N ASP F 59 0.49 3.81 29.27
CA ASP F 59 -0.05 3.13 30.45
C ASP F 59 -1.50 3.52 30.61
N LEU F 60 -2.35 3.00 29.74
CA LEU F 60 -3.74 3.37 29.75
C LEU F 60 -4.51 2.62 30.82
N ASP F 61 -5.48 3.29 31.42
CA ASP F 61 -6.27 2.60 32.42
C ASP F 61 -7.49 1.88 31.83
N PHE F 62 -7.46 0.56 31.81
CA PHE F 62 -8.60 -0.19 31.28
C PHE F 62 -9.90 0.03 32.06
N ASP F 63 -9.75 0.32 33.35
CA ASP F 63 -10.89 0.39 34.23
C ASP F 63 -11.48 1.79 34.27
N GLU F 64 -10.64 2.81 34.20
CA GLU F 64 -11.13 4.15 33.96
C GLU F 64 -12.02 4.11 32.69
N ILE F 65 -11.43 3.68 31.59
CA ILE F 65 -12.08 3.71 30.30
C ILE F 65 -13.39 2.97 30.37
N THR F 66 -13.30 1.70 30.76
CA THR F 66 -14.47 0.87 30.86
C THR F 66 -15.57 1.68 31.57
N ARG F 67 -15.27 2.13 32.77
CA ARG F 67 -16.18 2.97 33.54
C ARG F 67 -16.62 4.22 32.77
N ALA F 68 -15.66 4.98 32.25
CA ALA F 68 -15.94 6.25 31.53
C ALA F 68 -17.02 6.09 30.46
N ILE F 69 -16.85 5.06 29.65
CA ILE F 69 -17.77 4.73 28.58
C ILE F 69 -19.13 4.44 29.16
N GLU F 70 -19.15 3.60 30.21
CA GLU F 70 -20.40 3.18 30.85
C GLU F 70 -21.16 4.37 31.39
N SER F 71 -20.42 5.34 31.92
CA SER F 71 -20.94 6.57 32.52
C SER F 71 -21.80 7.36 31.56
N TYR F 72 -21.48 7.28 30.28
CA TYR F 72 -22.23 7.95 29.24
C TYR F 72 -23.33 7.08 28.66
N GLY F 73 -23.64 5.99 29.36
CA GLY F 73 -24.68 5.07 28.92
C GLY F 73 -24.21 4.17 27.79
N GLY F 74 -22.88 4.05 27.65
CA GLY F 74 -22.28 3.17 26.66
C GLY F 74 -22.13 1.81 27.28
N SER F 75 -21.74 0.82 26.47
CA SER F 75 -21.68 -0.58 26.90
C SER F 75 -20.79 -1.44 26.01
N ILE F 76 -19.66 -1.89 26.60
CA ILE F 76 -18.64 -2.71 25.94
C ILE F 76 -19.09 -4.08 25.50
N HIS F 77 -19.34 -4.22 24.21
CA HIS F 77 -19.60 -5.51 23.64
C HIS F 77 -18.36 -6.37 23.52
N SER F 78 -17.18 -5.81 23.27
CA SER F 78 -15.98 -6.63 23.31
C SER F 78 -14.71 -5.84 23.11
N VAL F 79 -13.57 -6.47 23.41
CA VAL F 79 -12.26 -5.87 23.17
C VAL F 79 -11.52 -6.53 21.99
N ASP F 80 -11.30 -5.77 20.91
CA ASP F 80 -10.87 -6.37 19.67
C ASP F 80 -9.36 -6.27 19.44
N GLU F 81 -8.71 -5.33 20.11
CA GLU F 81 -7.25 -5.25 20.05
C GLU F 81 -6.65 -4.68 21.33
N VAL F 82 -5.40 -5.03 21.57
CA VAL F 82 -4.59 -4.45 22.61
C VAL F 82 -3.13 -4.40 22.13
N VAL F 83 -2.50 -3.24 22.30
CA VAL F 83 -1.05 -3.22 22.17
C VAL F 83 -0.49 -2.78 23.51
N ALA F 84 0.52 -3.50 23.97
CA ALA F 84 1.21 -3.19 25.23
C ALA F 84 2.73 -3.26 25.10
N GLY F 85 3.40 -2.27 25.69
CA GLY F 85 4.86 -2.20 25.72
C GLY F 85 5.46 -0.87 25.31
N ARG F 86 6.70 -0.94 24.85
CA ARG F 86 7.50 0.23 24.53
C ARG F 86 7.28 0.61 23.06
N THR F 87 6.79 -0.34 22.26
CA THR F 87 6.49 -0.04 20.85
C THR F 87 5.10 -0.48 20.39
N MSE F 88 4.61 0.13 19.31
CA MSE F 88 3.33 -0.23 18.71
C MSE F 88 3.60 -1.37 17.83
O MSE F 88 4.07 -1.16 16.73
CB MSE F 88 2.80 0.88 17.80
CG MSE F 88 2.02 1.95 18.50
SE MSE F 88 0.37 1.32 19.30
CE MSE F 88 -0.15 2.97 20.12
N VAL F 89 3.33 -2.57 18.26
CA VAL F 89 3.40 -3.68 17.33
C VAL F 89 2.03 -3.87 16.62
N GLU F 90 2.04 -3.66 15.30
CA GLU F 90 0.88 -3.98 14.50
C GLU F 90 0.84 -5.49 14.32
N GLU F 91 -0.31 -5.99 13.91
CA GLU F 91 -0.54 -7.41 13.83
C GLU F 91 -0.03 -7.97 12.52
N VAL F 92 0.76 -9.06 12.58
CA VAL F 92 1.12 -9.74 11.33
C VAL F 92 0.07 -10.77 10.89
N THR F 93 -0.14 -10.81 9.58
CA THR F 93 -1.17 -11.65 9.01
C THR F 93 -0.51 -12.89 8.48
N THR F 94 -1.28 -13.96 8.40
CA THR F 94 -0.79 -15.23 7.92
C THR F 94 -2.04 -16.04 7.52
N PRO F 95 -1.92 -17.06 6.68
CA PRO F 95 -3.04 -18.04 6.63
C PRO F 95 -3.35 -18.57 8.06
N ALA G 3 -1.76 19.57 19.80
CA ALA G 3 -3.16 19.91 19.48
C ALA G 3 -4.07 19.57 20.66
N LYS G 4 -5.37 19.66 20.46
CA LYS G 4 -6.32 19.45 21.52
C LYS G 4 -7.69 19.39 20.87
N GLY G 5 -8.70 18.98 21.63
CA GLY G 5 -10.03 18.64 21.10
C GLY G 5 -10.06 17.79 19.83
N LEU G 6 -11.21 17.86 19.15
CA LEU G 6 -11.39 17.24 17.86
C LEU G 6 -10.33 17.67 16.87
N ILE G 7 -9.57 16.72 16.35
CA ILE G 7 -8.69 17.04 15.24
C ILE G 7 -9.19 16.58 13.85
N ARG G 8 -10.17 15.67 13.84
CA ARG G 8 -10.79 15.16 12.63
C ARG G 8 -12.28 14.85 12.87
N ILE G 9 -13.10 15.21 11.90
CA ILE G 9 -14.53 14.90 11.87
C ILE G 9 -14.90 14.51 10.47
N VAL G 10 -15.52 13.35 10.31
CA VAL G 10 -15.99 12.95 8.99
C VAL G 10 -17.44 12.70 9.09
N LEU G 11 -18.20 13.33 8.20
CA LEU G 11 -19.66 13.26 8.21
C LEU G 11 -20.22 13.06 6.80
N ASP G 12 -21.33 12.32 6.65
CA ASP G 12 -21.93 12.25 5.32
C ASP G 12 -23.19 13.10 5.26
N ILE G 13 -23.28 13.95 4.24
CA ILE G 13 -24.40 14.85 4.18
C ILE G 13 -25.12 14.77 2.85
N LEU G 14 -26.40 15.13 2.88
CA LEU G 14 -27.20 15.27 1.68
C LEU G 14 -27.26 16.78 1.48
N LYS G 15 -27.59 17.20 0.26
CA LYS G 15 -27.30 18.55 -0.15
C LYS G 15 -27.90 18.75 -1.54
N PRO G 16 -28.62 19.85 -1.78
CA PRO G 16 -29.01 20.19 -3.13
C PRO G 16 -27.81 20.28 -4.05
N HIS G 17 -28.06 20.22 -5.37
CA HIS G 17 -27.03 20.44 -6.37
C HIS G 17 -26.18 21.70 -6.09
N GLU G 18 -26.80 22.89 -6.02
CA GLU G 18 -26.14 24.13 -5.54
C GLU G 18 -26.18 24.32 -4.01
N PRO G 19 -25.18 24.98 -3.42
CA PRO G 19 -23.96 25.47 -4.12
C PRO G 19 -23.04 24.35 -4.57
N ILE G 20 -22.41 24.52 -5.73
CA ILE G 20 -21.44 23.57 -6.21
C ILE G 20 -20.42 23.38 -5.10
N ILE G 21 -19.83 22.18 -5.03
CA ILE G 21 -19.13 21.77 -3.81
C ILE G 21 -17.74 22.35 -3.55
N PRO G 22 -17.05 22.85 -4.57
CA PRO G 22 -15.84 23.62 -4.34
C PRO G 22 -16.08 24.76 -3.40
N GLU G 23 -17.28 25.32 -3.40
CA GLU G 23 -17.61 26.36 -2.42
C GLU G 23 -17.58 25.81 -1.02
N TYR G 24 -18.29 24.72 -0.77
CA TYR G 24 -18.36 24.19 0.59
C TYR G 24 -16.97 24.01 1.14
N ALA G 25 -16.05 23.63 0.26
CA ALA G 25 -14.68 23.31 0.63
C ALA G 25 -14.02 24.56 1.11
N LYS G 26 -13.95 25.53 0.19
CA LYS G 26 -13.43 26.88 0.39
C LYS G 26 -13.97 27.35 1.71
N TYR G 27 -15.26 27.59 1.74
CA TYR G 27 -15.92 28.11 2.90
C TYR G 27 -15.51 27.45 4.22
N LEU G 28 -15.70 26.15 4.34
CA LEU G 28 -15.35 25.44 5.58
C LEU G 28 -13.88 25.57 5.94
N SER G 29 -13.01 25.74 4.94
CA SER G 29 -11.56 25.96 5.14
C SER G 29 -11.27 27.13 6.04
N GLU G 30 -12.17 28.12 5.99
CA GLU G 30 -11.94 29.37 6.66
C GLU G 30 -12.50 29.31 8.07
N LEU G 31 -13.08 28.18 8.45
CA LEU G 31 -13.57 28.03 9.83
C LEU G 31 -12.44 28.03 10.90
N ARG G 32 -12.84 28.27 12.15
CA ARG G 32 -11.93 28.33 13.32
C ARG G 32 -11.13 27.04 13.52
N GLY G 33 -9.81 27.18 13.48
CA GLY G 33 -8.88 26.06 13.69
C GLY G 33 -8.82 24.96 12.64
N VAL G 34 -9.27 25.25 11.41
CA VAL G 34 -9.31 24.25 10.34
C VAL G 34 -8.04 24.19 9.49
N GLU G 35 -7.42 23.03 9.40
CA GLU G 35 -6.18 22.81 8.65
C GLU G 35 -6.40 22.64 7.17
N GLY G 36 -7.42 21.86 6.87
CA GLY G 36 -7.76 21.49 5.51
C GLY G 36 -9.14 20.87 5.51
N VAL G 37 -9.73 20.75 4.33
CA VAL G 37 -10.99 20.04 4.24
C VAL G 37 -11.16 19.31 2.92
N ASN G 38 -11.41 17.99 3.04
CA ASN G 38 -11.60 17.10 1.90
C ASN G 38 -13.06 16.82 1.65
N ILE G 39 -13.48 16.91 0.39
CA ILE G 39 -14.86 16.53 0.05
C ILE G 39 -14.93 15.67 -1.18
N THR G 40 -15.22 14.39 -1.00
CA THR G 40 -15.43 13.52 -2.13
C THR G 40 -16.91 13.36 -2.35
N LEU G 41 -17.28 13.21 -3.63
CA LEU G 41 -18.64 12.93 -4.09
C LEU G 41 -19.04 11.45 -4.05
N MSE G 42 -19.95 11.08 -3.15
CA MSE G 42 -20.52 9.73 -3.02
C MSE G 42 -21.34 9.26 -4.21
O MSE G 42 -20.91 8.38 -4.96
CB MSE G 42 -21.41 9.64 -1.77
CG MSE G 42 -20.85 8.91 -0.55
SE MSE G 42 -18.89 8.85 -0.41
CE MSE G 42 -18.67 7.53 1.17
N GLU G 43 -22.54 9.82 -4.38
CA GLU G 43 -23.53 9.36 -5.36
C GLU G 43 -24.22 10.60 -5.79
N ILE G 44 -24.48 10.73 -7.07
CA ILE G 44 -25.16 11.92 -7.59
C ILE G 44 -26.63 11.68 -8.00
N ASP G 45 -27.54 12.04 -7.10
CA ASP G 45 -28.96 11.83 -7.32
C ASP G 45 -29.48 12.99 -8.13
N LYS G 46 -30.77 12.92 -8.47
CA LYS G 46 -31.39 13.85 -9.44
C LYS G 46 -31.80 15.20 -8.80
N GLU G 47 -32.51 15.11 -7.68
CA GLU G 47 -32.85 16.26 -6.82
C GLU G 47 -31.67 16.86 -6.09
N THR G 48 -30.81 15.97 -5.59
CA THR G 48 -29.93 16.27 -4.49
C THR G 48 -28.52 15.73 -4.74
N GLU G 49 -27.74 15.53 -3.67
CA GLU G 49 -26.33 15.13 -3.75
C GLU G 49 -25.80 14.71 -2.40
N ASN G 50 -24.94 13.69 -2.43
CA ASN G 50 -24.53 12.99 -1.21
C ASN G 50 -23.03 13.03 -1.13
N ILE G 51 -22.47 13.78 -0.17
CA ILE G 51 -21.01 13.93 -0.11
C ILE G 51 -20.37 13.57 1.22
N LYS G 52 -19.11 13.18 1.17
CA LYS G 52 -18.40 12.91 2.41
C LYS G 52 -17.52 14.10 2.73
N VAL G 53 -17.55 14.58 3.97
CA VAL G 53 -16.70 15.70 4.28
C VAL G 53 -15.79 15.25 5.34
N THR G 54 -14.51 15.21 4.99
CA THR G 54 -13.46 15.05 5.96
C THR G 54 -12.92 16.42 6.22
N ILE G 55 -12.91 16.79 7.50
CA ILE G 55 -12.41 18.08 7.95
C ILE G 55 -11.50 17.92 9.17
N GLN G 56 -10.36 18.57 9.16
CA GLN G 56 -9.34 18.29 10.16
C GLN G 56 -8.63 19.55 10.61
N GLY G 57 -7.93 19.47 11.74
CA GLY G 57 -7.15 20.63 12.18
C GLY G 57 -7.00 20.69 13.67
N ASN G 58 -6.80 21.91 14.19
CA ASN G 58 -6.61 22.03 15.60
C ASN G 58 -7.83 22.47 16.37
N ASP G 59 -8.35 21.53 17.16
CA ASP G 59 -9.49 21.78 18.06
C ASP G 59 -10.65 22.42 17.33
N LEU G 60 -11.62 21.61 16.96
CA LEU G 60 -12.64 22.09 16.07
C LEU G 60 -13.89 22.28 16.86
N ASP G 61 -14.66 23.29 16.47
CA ASP G 61 -15.95 23.52 17.06
C ASP G 61 -16.96 22.65 16.33
N PHE G 62 -17.39 21.56 16.93
CA PHE G 62 -18.33 20.73 16.23
C PHE G 62 -19.57 21.51 15.80
N ASP G 63 -20.13 22.32 16.69
CA ASP G 63 -21.36 23.01 16.34
C ASP G 63 -21.20 24.12 15.30
N GLU G 64 -20.03 24.73 15.27
CA GLU G 64 -19.73 25.69 14.23
C GLU G 64 -19.76 24.96 12.91
N ILE G 65 -19.09 23.81 12.90
CA ILE G 65 -19.07 22.95 11.73
C ILE G 65 -20.49 22.57 11.32
N THR G 66 -21.32 22.19 12.29
CA THR G 66 -22.73 21.90 12.00
C THR G 66 -23.60 23.16 11.61
N ARG G 67 -23.33 24.29 12.26
CA ARG G 67 -23.90 25.57 11.83
C ARG G 67 -23.54 25.88 10.37
N ALA G 68 -22.26 25.89 10.07
CA ALA G 68 -21.79 26.26 8.73
C ALA G 68 -22.35 25.40 7.62
N ILE G 69 -22.52 24.10 7.85
CA ILE G 69 -22.98 23.21 6.78
C ILE G 69 -24.44 23.44 6.54
N GLU G 70 -25.22 23.33 7.59
CA GLU G 70 -26.63 23.56 7.48
C GLU G 70 -26.85 24.85 6.74
N SER G 71 -26.03 25.84 7.10
CA SER G 71 -26.08 27.19 6.56
C SER G 71 -26.04 27.29 5.06
N TYR G 72 -25.54 26.26 4.37
CA TYR G 72 -25.54 26.25 2.90
C TYR G 72 -26.56 25.31 2.30
N GLY G 73 -27.44 24.81 3.14
CA GLY G 73 -28.48 23.91 2.70
C GLY G 73 -28.09 22.45 2.84
N GLY G 74 -27.08 22.19 3.65
CA GLY G 74 -26.64 20.82 3.90
C GLY G 74 -27.65 20.13 4.79
N SER G 75 -27.50 18.83 4.98
CA SER G 75 -28.28 18.15 5.99
C SER G 75 -27.46 16.97 6.49
N ILE G 76 -27.00 17.00 7.74
CA ILE G 76 -26.09 15.99 8.27
C ILE G 76 -26.77 14.64 8.59
N HIS G 77 -26.52 13.66 7.72
CA HIS G 77 -27.15 12.33 7.84
C HIS G 77 -26.49 11.55 8.95
N SER G 78 -25.16 11.64 9.01
CA SER G 78 -24.41 11.04 10.08
C SER G 78 -22.98 11.55 10.08
N VAL G 79 -22.40 11.51 11.27
CA VAL G 79 -20.98 11.70 11.56
C VAL G 79 -20.31 10.35 11.45
N ASP G 80 -19.44 10.14 10.51
CA ASP G 80 -18.92 8.79 10.35
C ASP G 80 -17.71 8.45 11.20
N GLU G 81 -16.94 9.47 11.53
CA GLU G 81 -15.75 9.26 12.29
C GLU G 81 -15.34 10.57 12.88
N VAL G 82 -14.73 10.45 14.06
CA VAL G 82 -14.29 11.56 14.87
C VAL G 82 -12.97 11.20 15.53
N VAL G 83 -11.98 12.08 15.45
CA VAL G 83 -10.72 11.88 16.19
C VAL G 83 -10.49 13.07 17.12
N ALA G 84 -10.00 12.81 18.33
CA ALA G 84 -9.70 13.91 19.26
C ALA G 84 -8.48 13.57 20.06
N GLY G 85 -7.89 14.58 20.68
CA GLY G 85 -6.63 14.42 21.44
C GLY G 85 -5.38 15.08 20.84
N ARG G 86 -4.24 14.55 21.21
CA ARG G 86 -2.98 15.19 20.98
C ARG G 86 -2.43 14.64 19.69
N THR G 87 -2.86 13.41 19.36
CA THR G 87 -2.30 12.71 18.23
C THR G 87 -3.38 12.07 17.31
N MSE G 88 -3.13 12.05 16.00
CA MSE G 88 -4.08 11.59 14.97
C MSE G 88 -4.28 10.07 14.82
O MSE G 88 -3.90 9.51 13.80
CB MSE G 88 -3.62 12.07 13.60
CG MSE G 88 -4.40 13.22 12.98
SE MSE G 88 -6.35 12.94 12.67
CE MSE G 88 -6.68 14.59 11.74
N VAL G 89 -4.91 9.42 15.80
CA VAL G 89 -5.18 7.96 15.72
C VAL G 89 -6.15 7.55 14.59
N GLU G 90 -5.75 6.58 13.78
CA GLU G 90 -6.69 6.01 12.80
C GLU G 90 -7.29 4.73 13.30
N GLU G 91 -8.45 4.42 12.74
CA GLU G 91 -9.10 3.14 12.88
C GLU G 91 -8.17 1.98 12.53
N VAL G 92 -8.17 0.96 13.37
CA VAL G 92 -7.36 -0.25 13.13
C VAL G 92 -8.30 -1.34 12.60
N THR G 93 -7.87 -2.13 11.62
CA THR G 93 -8.75 -3.16 11.06
C THR G 93 -8.77 -4.44 11.93
N THR G 94 -9.94 -5.08 12.01
CA THR G 94 -10.18 -6.21 12.91
C THR G 94 -11.51 -6.90 12.61
N PRO G 95 -11.56 -8.23 12.79
CA PRO G 95 -12.86 -8.93 12.98
C PRO G 95 -13.32 -9.06 14.49
CA CA H . -18.66 3.09 -23.79
CA CA I . -20.02 11.56 -12.85
CA CA J . -10.57 8.82 -2.39
CA CA K . -11.16 3.23 8.28
CA CA L . -6.41 1.87 -25.81
CA CA M . -4.74 -11.55 -28.18
CA CA N . -4.23 5.83 -13.07
CA CA O . 3.99 -3.51 -14.33
CA CA P . 6.34 -11.59 -5.70
CA CA Q . -3.85 -22.53 13.82
CA CA R . -17.42 -19.66 16.58
CA CA S . 2.36 -12.79 6.44
CA CA T . -17.85 -7.87 18.90
CA CA U . -5.83 -5.97 11.96
#